data_9BWT
#
_entry.id   9BWT
#
_cell.length_a   1.00
_cell.length_b   1.00
_cell.length_c   1.00
_cell.angle_alpha   90.00
_cell.angle_beta   90.00
_cell.angle_gamma   90.00
#
_symmetry.space_group_name_H-M   'P 1'
#
loop_
_entity.id
_entity.type
_entity.pdbx_description
1 polymer 'Solute carrier family 12 member 3'
2 non-polymer "ADENOSINE-5'-TRIPHOSPHATE"
3 non-polymer '6-chloro-3,4-dihydro-2H-1,2,4-benzothiadiazine-7-sulfonamide 1,1-dioxide'
4 water water
#
_entity_poly.entity_id   1
_entity_poly.type   'polypeptide(L)'
_entity_poly.pdbx_seq_one_letter_code
;MAELPTTETPGDATLCSGRFTISTLLSSDEPSPPAAYDSSHPSHLTHSSTFCMR(TPO)FGYN(TPO)IDVVPTYEHYAN
(SEP)TQPGEPRKVRPTLADLHSFLKEGRHLHALAFDSRPSHEMTDGLVEGEAGTSSEKNPEEPVRFGWVKGVMIRCMLN
IWGVILYLRLPWITAQAGIVLTWIIILLSVTVTSITGLSISAISTNGKVKSGGTYFLISRSLGPELGGSIGLIFAFANAV
GVAMHTVGFAETVRDLLQEYGAPIVDPINDIRIIAVVSVTVLLAISLAGMEWESKAQVLFFLVIMVSFANYLVGTLIPPS
EDKASKGFFSYRADIFVQNLVPDWRGPDGTFFGMFEIFFPSATGILAGANISGDLKDPAIAIPKGTLMAIFWTTISYLAI
SATIGSCVVRDASGVLNDTVTPGWGACEGLACSYGWNFTECTQQHSCHYGLINYYQTMSMVSGFAPLITAGIFGATLSSA
LACLVSAAKVFQCLCEDQLYPLIGFFGKGYGKNKEPVRGYLLAYAIAVAFIIIAELNTIAPIISNFFLCSYALINFSCFH
ASITNSPGWRPSFQYYNKWAALFGAIISVVIMFLLTWWAALIAIGVVLFLLLYVIYKKPEVNWGSSVQAGSYNLALSYSV
GLNEVEDHIKNYRPQCLVLTGPPNFRPALVDFVGTFTRNLSLMICGHVLIGPHKQRMPELQLIANGHTKWLNKRKIKAFY
SDVIAEDLRRGVQILMQAAGLGRMKPNILVVGFKKNWQSAHPATVEDYIGILHDAFDFNYGVCVMRMREGLNVSKMMQAH
INPVFDPAEDGKEASARVDPKALVKEEQATTIFQSEQGKKTIDIYWLFDDGGLTLLIPYLLGRKRRWSKCKIRVFVGGQI
NRMDQERKAIISLLSKFRLGFHEVHILPDINQNPRAEHTKRFEDMIAPFRLNDGFKDEATVNEMRRDCPWKISDEEITKN
RVKSLRQVRLNEIVLDYSRDAALIVITLPIGRKGKCPSSLYMAWLETLSQDLRPPVILIRGNQENVLTFYCQ
;
_entity_poly.pdbx_strand_id   A,B
#
# COMPACT_ATOMS: atom_id res chain seq x y z
N CYS A 52 -37.90 24.68 -5.23
CA CYS A 52 -38.00 26.08 -4.83
C CYS A 52 -36.76 26.51 -4.05
N MET A 53 -36.84 26.40 -2.72
CA MET A 53 -35.74 26.73 -1.84
C MET A 53 -35.63 25.66 -0.75
N ARG A 54 -35.77 24.40 -1.15
CA ARG A 54 -35.71 23.29 -0.22
C ARG A 54 -34.33 22.67 -0.18
N PHE A 56 -31.16 20.71 -0.82
CA PHE A 56 -30.60 20.17 -2.04
C PHE A 56 -30.56 18.65 -1.97
N GLY A 57 -31.10 17.99 -3.01
CA GLY A 57 -31.14 16.55 -3.06
C GLY A 57 -32.46 15.93 -2.69
N TYR A 58 -33.49 16.72 -2.37
CA TYR A 58 -34.78 16.16 -2.01
C TYR A 58 -35.53 15.58 -3.20
N ASN A 59 -35.07 15.80 -4.42
CA ASN A 59 -35.77 15.32 -5.59
C ASN A 59 -34.88 14.49 -6.50
N ILE A 61 -32.36 10.49 -6.49
CA ILE A 61 -31.89 9.29 -5.81
C ILE A 61 -30.51 9.50 -5.22
N ASP A 62 -29.71 10.33 -5.89
CA ASP A 62 -28.35 10.58 -5.44
C ASP A 62 -28.36 11.30 -4.09
N VAL A 63 -27.37 11.02 -3.27
CA VAL A 63 -27.30 11.60 -1.94
C VAL A 63 -26.15 12.60 -1.88
N VAL A 64 -26.28 13.58 -0.99
CA VAL A 64 -25.26 14.61 -0.82
C VAL A 64 -24.24 14.15 0.19
N PRO A 65 -23.04 14.73 0.20
CA PRO A 65 -22.01 14.25 1.13
C PRO A 65 -22.38 14.51 2.58
N THR A 66 -22.23 13.48 3.40
CA THR A 66 -22.50 13.59 4.82
C THR A 66 -21.51 12.71 5.57
N TYR A 67 -21.35 13.02 6.87
CA TYR A 67 -20.39 12.28 7.69
C TYR A 67 -20.78 10.82 7.82
N GLU A 68 -22.09 10.54 7.93
CA GLU A 68 -22.53 9.17 8.20
C GLU A 68 -22.09 8.20 7.12
N HIS A 69 -21.95 8.67 5.87
CA HIS A 69 -21.57 7.77 4.79
C HIS A 69 -20.18 7.20 4.95
N TYR A 70 -19.35 7.78 5.82
CA TYR A 70 -17.97 7.37 5.96
C TYR A 70 -17.64 6.76 7.31
N ALA A 71 -18.51 6.89 8.30
CA ALA A 71 -18.28 6.33 9.62
C ALA A 71 -18.69 4.88 9.66
N ASN A 72 -17.95 4.08 10.41
CA ASN A 72 -18.29 2.68 10.60
C ASN A 72 -18.74 2.45 12.03
N THR A 74 -21.48 3.40 15.38
CA THR A 74 -22.92 3.30 15.56
C THR A 74 -23.55 4.68 15.42
N GLN A 75 -24.55 4.78 14.55
CA GLN A 75 -25.16 6.07 14.27
C GLN A 75 -25.97 6.55 15.47
N PRO A 76 -25.68 7.75 15.99
CA PRO A 76 -26.52 8.27 17.09
C PRO A 76 -27.99 8.39 16.71
N GLY A 77 -28.27 8.76 15.46
CA GLY A 77 -29.63 8.87 14.98
C GLY A 77 -29.96 7.77 14.00
N GLU A 78 -30.93 6.93 14.38
CA GLU A 78 -31.33 5.79 13.56
C GLU A 78 -30.12 4.94 13.19
N PRO A 79 -30.12 4.30 12.03
CA PRO A 79 -28.94 3.51 11.64
C PRO A 79 -27.99 4.32 10.77
N ARG A 80 -26.79 3.79 10.55
CA ARG A 80 -25.83 4.47 9.69
C ARG A 80 -26.33 4.49 8.25
N LYS A 81 -26.59 5.68 7.74
CA LYS A 81 -27.02 5.84 6.37
C LYS A 81 -25.92 5.39 5.41
N VAL A 82 -26.33 4.73 4.33
CA VAL A 82 -25.40 4.22 3.33
C VAL A 82 -25.77 4.82 1.98
N ARG A 83 -24.77 5.35 1.28
CA ARG A 83 -25.03 5.91 -0.03
C ARG A 83 -25.42 4.80 -1.01
N PRO A 84 -26.30 5.11 -1.95
CA PRO A 84 -26.70 4.08 -2.92
C PRO A 84 -25.51 3.55 -3.70
N THR A 85 -25.53 2.26 -3.98
CA THR A 85 -24.46 1.65 -4.74
C THR A 85 -24.51 2.12 -6.19
N LEU A 86 -23.38 1.99 -6.88
CA LEU A 86 -23.31 2.42 -8.27
C LEU A 86 -24.32 1.70 -9.13
N ALA A 87 -24.68 0.47 -8.76
CA ALA A 87 -25.70 -0.25 -9.50
C ALA A 87 -27.09 0.31 -9.24
N ASP A 88 -27.30 0.91 -8.07
CA ASP A 88 -28.60 1.53 -7.78
C ASP A 88 -28.84 2.72 -8.68
N LEU A 89 -27.84 3.60 -8.81
CA LEU A 89 -27.99 4.76 -9.69
C LEU A 89 -27.91 4.36 -11.15
N HIS A 90 -26.98 3.45 -11.48
CA HIS A 90 -26.84 2.93 -12.83
C HIS A 90 -27.79 1.76 -13.01
N SER A 91 -27.67 1.06 -14.14
CA SER A 91 -28.42 -0.17 -14.34
C SER A 91 -29.91 0.11 -14.48
N PHE A 92 -30.61 -0.73 -15.23
CA PHE A 92 -32.03 -0.54 -15.46
C PHE A 92 -32.85 -1.45 -14.55
N LEU A 93 -34.14 -1.14 -14.46
CA LEU A 93 -35.07 -1.93 -13.65
C LEU A 93 -34.64 -1.91 -12.18
N PRO A 132 -18.20 7.15 30.54
CA PRO A 132 -16.90 7.18 29.87
C PRO A 132 -16.19 8.52 30.05
N VAL A 133 -15.28 8.59 31.01
CA VAL A 133 -14.57 9.83 31.30
C VAL A 133 -13.48 10.04 30.26
N ARG A 134 -13.38 11.26 29.76
CA ARG A 134 -12.37 11.64 28.79
C ARG A 134 -11.57 12.83 29.32
N PHE A 135 -10.31 12.91 28.92
CA PHE A 135 -9.39 13.90 29.47
C PHE A 135 -8.93 14.87 28.38
N GLY A 136 -8.69 16.10 28.79
CA GLY A 136 -8.16 17.12 27.90
C GLY A 136 -6.66 16.95 27.70
N TRP A 137 -6.11 17.84 26.89
CA TRP A 137 -4.70 17.73 26.55
C TRP A 137 -3.78 18.15 27.69
N VAL A 138 -4.26 18.99 28.60
CA VAL A 138 -3.42 19.42 29.71
C VAL A 138 -3.33 18.33 30.77
N LYS A 139 -4.46 17.81 31.20
CA LYS A 139 -4.47 16.77 32.23
C LYS A 139 -4.27 15.37 31.68
N GLY A 140 -4.39 15.18 30.37
CA GLY A 140 -4.27 13.87 29.78
C GLY A 140 -2.91 13.59 29.16
N VAL A 141 -2.24 14.64 28.68
CA VAL A 141 -0.99 14.46 27.97
C VAL A 141 0.12 15.27 28.62
N MET A 142 -0.08 16.58 28.76
CA MET A 142 0.99 17.45 29.23
C MET A 142 1.43 17.04 30.63
N ILE A 143 0.48 16.91 31.56
CA ILE A 143 0.84 16.54 32.93
C ILE A 143 1.51 15.19 32.96
N ARG A 144 0.94 14.21 32.25
CA ARG A 144 1.48 12.85 32.28
C ARG A 144 2.89 12.82 31.71
N CYS A 145 3.09 13.42 30.54
CA CYS A 145 4.41 13.41 29.92
C CYS A 145 5.42 14.16 30.78
N MET A 146 5.01 15.30 31.33
CA MET A 146 5.92 16.10 32.14
C MET A 146 6.35 15.33 33.39
N LEU A 147 5.41 14.66 34.04
CA LEU A 147 5.76 13.83 35.20
C LEU A 147 6.64 12.67 34.81
N ASN A 148 6.37 12.05 33.66
CA ASN A 148 7.18 10.92 33.20
C ASN A 148 8.62 11.34 32.95
N ILE A 149 8.82 12.49 32.31
CA ILE A 149 10.18 12.94 32.01
C ILE A 149 10.95 13.23 33.29
N TRP A 150 10.32 13.92 34.24
CA TRP A 150 10.99 14.24 35.50
C TRP A 150 11.22 12.97 36.30
N GLY A 151 12.45 12.80 36.78
CA GLY A 151 12.82 11.64 37.57
C GLY A 151 13.54 12.06 38.83
N VAL A 152 14.41 11.18 39.31
CA VAL A 152 15.21 11.46 40.51
C VAL A 152 16.55 12.08 40.17
N ILE A 153 17.02 11.94 38.93
CA ILE A 153 18.25 12.60 38.53
C ILE A 153 18.14 14.12 38.66
N LEU A 154 16.92 14.64 38.60
CA LEU A 154 16.72 16.08 38.74
C LEU A 154 17.21 16.58 40.11
N TYR A 155 16.94 15.80 41.16
CA TYR A 155 17.26 16.25 42.52
C TYR A 155 18.61 15.74 43.01
N LEU A 156 19.05 14.58 42.53
CA LEU A 156 20.23 13.93 43.10
C LEU A 156 21.41 13.82 42.16
N ARG A 157 21.23 14.09 40.88
CA ARG A 157 22.33 13.95 39.92
C ARG A 157 22.61 15.21 39.14
N LEU A 158 21.58 15.96 38.76
CA LEU A 158 21.80 17.14 37.91
C LEU A 158 22.79 18.12 38.53
N PRO A 159 22.67 18.49 39.82
CA PRO A 159 23.70 19.36 40.40
C PRO A 159 25.09 18.76 40.35
N TRP A 160 25.21 17.45 40.57
CA TRP A 160 26.53 16.81 40.48
C TRP A 160 27.07 16.87 39.06
N ILE A 161 26.20 16.64 38.07
CA ILE A 161 26.62 16.71 36.68
C ILE A 161 27.07 18.12 36.33
N THR A 162 26.34 19.14 36.80
CA THR A 162 26.72 20.50 36.49
C THR A 162 28.00 20.91 37.21
N ALA A 163 28.26 20.34 38.38
CA ALA A 163 29.52 20.61 39.06
C ALA A 163 30.68 19.97 38.31
N GLN A 164 30.50 18.72 37.86
CA GLN A 164 31.60 18.02 37.21
C GLN A 164 31.88 18.54 35.80
N ALA A 165 30.85 18.77 35.00
CA ALA A 165 31.02 19.17 33.61
C ALA A 165 30.88 20.66 33.38
N GLY A 166 30.44 21.41 34.38
CA GLY A 166 30.21 22.83 34.21
C GLY A 166 28.87 23.13 33.59
N ILE A 167 28.53 24.42 33.57
CA ILE A 167 27.22 24.83 33.07
C ILE A 167 27.13 24.67 31.56
N VAL A 168 28.19 25.02 30.84
CA VAL A 168 28.14 24.96 29.38
C VAL A 168 28.03 23.52 28.90
N LEU A 169 28.88 22.64 29.41
CA LEU A 169 28.82 21.24 29.00
C LEU A 169 27.53 20.59 29.45
N THR A 170 27.03 20.96 30.63
CA THR A 170 25.74 20.44 31.08
C THR A 170 24.62 20.86 30.14
N TRP A 171 24.62 22.12 29.72
CA TRP A 171 23.62 22.57 28.77
C TRP A 171 23.75 21.84 27.44
N ILE A 172 24.99 21.56 27.02
CA ILE A 172 25.18 20.81 25.78
C ILE A 172 24.57 19.41 25.91
N ILE A 173 24.81 18.75 27.04
CA ILE A 173 24.26 17.41 27.25
C ILE A 173 22.74 17.46 27.23
N ILE A 174 22.17 18.41 27.97
CA ILE A 174 20.72 18.53 28.02
C ILE A 174 20.15 18.78 26.63
N LEU A 175 20.80 19.67 25.87
CA LEU A 175 20.32 20.00 24.54
C LEU A 175 20.40 18.81 23.60
N LEU A 176 21.46 18.01 23.70
CA LEU A 176 21.57 16.83 22.85
C LEU A 176 20.44 15.84 23.15
N SER A 177 20.24 15.54 24.44
CA SER A 177 19.14 14.67 24.81
C SER A 177 17.81 15.23 24.31
N VAL A 178 17.66 16.55 24.39
CA VAL A 178 16.40 17.18 23.99
C VAL A 178 16.21 17.09 22.48
N THR A 179 17.29 17.22 21.71
CA THR A 179 17.14 17.05 20.26
C THR A 179 16.65 15.65 19.94
N VAL A 180 17.24 14.64 20.57
CA VAL A 180 16.77 13.28 20.32
C VAL A 180 15.29 13.14 20.69
N THR A 181 14.95 13.57 21.90
CA THR A 181 13.58 13.41 22.37
C THR A 181 12.59 14.22 21.56
N SER A 182 12.98 15.40 21.09
CA SER A 182 12.08 16.26 20.34
C SER A 182 11.88 15.75 18.92
N ILE A 183 12.91 15.18 18.30
CA ILE A 183 12.71 14.53 17.01
C ILE A 183 11.74 13.37 17.18
N THR A 184 11.93 12.57 18.23
CA THR A 184 10.99 11.47 18.47
C THR A 184 9.57 12.00 18.69
N GLY A 185 9.44 13.10 19.42
CA GLY A 185 8.12 13.67 19.65
C GLY A 185 7.48 14.20 18.40
N LEU A 186 8.26 14.82 17.52
CA LEU A 186 7.72 15.25 16.23
C LEU A 186 7.24 14.06 15.41
N SER A 187 8.03 12.98 15.40
CA SER A 187 7.61 11.78 14.69
C SER A 187 6.32 11.22 15.25
N ILE A 188 6.21 11.15 16.58
CA ILE A 188 5.00 10.59 17.18
C ILE A 188 3.80 11.50 16.92
N SER A 189 4.02 12.82 16.92
CA SER A 189 2.94 13.74 16.61
C SER A 189 2.44 13.54 15.19
N ALA A 190 3.36 13.42 14.24
CA ALA A 190 2.94 13.19 12.86
C ALA A 190 2.21 11.86 12.71
N ILE A 191 2.73 10.82 13.35
CA ILE A 191 2.11 9.50 13.24
C ILE A 191 0.76 9.47 13.93
N SER A 192 0.54 10.39 14.88
CA SER A 192 -0.69 10.35 15.67
C SER A 192 -1.81 11.19 15.08
N THR A 193 -1.59 11.86 13.96
CA THR A 193 -2.65 12.61 13.29
C THR A 193 -2.80 12.04 11.88
N ASN A 194 -3.47 10.89 11.81
CA ASN A 194 -3.84 10.28 10.54
C ASN A 194 -5.00 9.33 10.87
N GLY A 195 -6.22 9.80 10.62
CA GLY A 195 -7.37 9.06 11.10
C GLY A 195 -7.51 9.17 12.60
N LYS A 196 -8.46 8.41 13.13
CA LYS A 196 -8.81 8.46 14.54
C LYS A 196 -8.10 7.32 15.27
N VAL A 197 -7.36 7.67 16.33
CA VAL A 197 -6.60 6.68 17.09
C VAL A 197 -7.46 6.15 18.23
N LYS A 198 -7.36 4.86 18.47
CA LYS A 198 -8.11 4.18 19.51
C LYS A 198 -7.19 3.80 20.66
N SER A 199 -7.75 3.08 21.63
CA SER A 199 -6.96 2.61 22.76
C SER A 199 -5.83 1.71 22.28
N GLY A 200 -4.65 1.87 22.87
CA GLY A 200 -3.50 1.10 22.48
C GLY A 200 -2.21 1.89 22.56
N GLY A 201 -2.33 3.20 22.71
CA GLY A 201 -1.17 4.04 22.92
C GLY A 201 -0.14 3.91 21.83
N THR A 202 1.13 3.81 22.24
CA THR A 202 2.22 3.79 21.27
C THR A 202 2.13 2.57 20.36
N TYR A 203 1.79 1.41 20.93
CA TYR A 203 1.70 0.21 20.12
C TYR A 203 0.68 0.35 19.01
N PHE A 204 -0.48 0.92 19.32
CA PHE A 204 -1.50 1.12 18.30
C PHE A 204 -0.96 1.95 17.14
N LEU A 205 -0.34 3.09 17.45
CA LEU A 205 0.17 3.95 16.39
C LEU A 205 1.22 3.24 15.56
N ILE A 206 2.19 2.60 16.21
CA ILE A 206 3.27 1.96 15.47
C ILE A 206 2.72 0.84 14.60
N SER A 207 1.87 0.00 15.15
CA SER A 207 1.34 -1.14 14.40
C SER A 207 0.48 -0.69 13.24
N ARG A 208 -0.35 0.33 13.45
CA ARG A 208 -1.24 0.78 12.39
C ARG A 208 -0.51 1.58 11.32
N SER A 209 0.65 2.16 11.64
CA SER A 209 1.38 2.94 10.66
C SER A 209 2.53 2.18 10.01
N LEU A 210 2.92 1.03 10.56
CA LEU A 210 4.09 0.31 10.06
C LEU A 210 3.83 -1.17 9.80
N GLY A 211 2.71 -1.73 10.23
CA GLY A 211 2.40 -3.11 9.95
C GLY A 211 2.49 -3.99 11.16
N PRO A 212 1.74 -5.10 11.15
CA PRO A 212 1.74 -6.00 12.31
C PRO A 212 3.07 -6.64 12.59
N GLU A 213 3.92 -6.83 11.57
CA GLU A 213 5.18 -7.54 11.78
C GLU A 213 6.03 -6.85 12.82
N LEU A 214 6.47 -5.62 12.55
CA LEU A 214 7.24 -4.87 13.53
C LEU A 214 6.37 -4.42 14.69
N GLY A 215 5.10 -4.15 14.43
CA GLY A 215 4.23 -3.63 15.47
C GLY A 215 4.07 -4.57 16.65
N GLY A 216 3.87 -5.86 16.37
CA GLY A 216 3.66 -6.80 17.46
C GLY A 216 4.88 -6.97 18.34
N SER A 217 6.06 -7.10 17.71
CA SER A 217 7.29 -7.21 18.49
C SER A 217 7.52 -5.96 19.32
N ILE A 218 7.32 -4.78 18.73
CA ILE A 218 7.52 -3.55 19.48
C ILE A 218 6.51 -3.44 20.61
N GLY A 219 5.28 -3.90 20.38
CA GLY A 219 4.28 -3.84 21.43
C GLY A 219 4.64 -4.73 22.61
N LEU A 220 5.06 -5.96 22.33
CA LEU A 220 5.46 -6.84 23.42
C LEU A 220 6.65 -6.27 24.19
N ILE A 221 7.66 -5.78 23.47
CA ILE A 221 8.82 -5.22 24.13
C ILE A 221 8.45 -4.01 24.96
N PHE A 222 7.57 -3.15 24.42
CA PHE A 222 7.14 -1.96 25.14
C PHE A 222 6.39 -2.32 26.42
N ALA A 223 5.49 -3.30 26.33
CA ALA A 223 4.75 -3.72 27.51
C ALA A 223 5.69 -4.25 28.58
N PHE A 224 6.63 -5.12 28.20
CA PHE A 224 7.56 -5.67 29.17
C PHE A 224 8.44 -4.58 29.76
N ALA A 225 8.93 -3.66 28.93
CA ALA A 225 9.77 -2.59 29.41
C ALA A 225 9.04 -1.69 30.39
N ASN A 226 7.76 -1.41 30.15
CA ASN A 226 7.00 -0.62 31.10
C ASN A 226 6.77 -1.38 32.39
N ALA A 227 6.47 -2.67 32.30
CA ALA A 227 6.26 -3.48 33.50
C ALA A 227 7.52 -3.58 34.34
N VAL A 228 8.70 -3.45 33.73
CA VAL A 228 9.92 -3.43 34.52
C VAL A 228 10.30 -2.01 34.96
N GLY A 229 9.92 -1.00 34.18
CA GLY A 229 10.16 0.38 34.60
C GLY A 229 9.36 0.76 35.83
N VAL A 230 8.15 0.21 35.96
CA VAL A 230 7.40 0.44 37.19
C VAL A 230 8.20 -0.07 38.39
N ALA A 231 8.77 -1.27 38.26
CA ALA A 231 9.60 -1.82 39.33
C ALA A 231 10.82 -0.95 39.59
N MET A 232 11.46 -0.45 38.54
CA MET A 232 12.64 0.38 38.71
C MET A 232 12.31 1.66 39.46
N HIS A 233 11.21 2.32 39.08
CA HIS A 233 10.83 3.56 39.75
C HIS A 233 10.42 3.31 41.20
N THR A 234 9.67 2.24 41.45
CA THR A 234 9.30 1.94 42.83
C THR A 234 10.53 1.56 43.65
N VAL A 235 11.53 0.95 43.04
CA VAL A 235 12.77 0.66 43.76
C VAL A 235 13.50 1.95 44.10
N GLY A 236 13.51 2.90 43.18
CA GLY A 236 14.09 4.20 43.51
C GLY A 236 13.39 4.87 44.67
N PHE A 237 12.05 4.84 44.65
CA PHE A 237 11.29 5.41 45.75
C PHE A 237 11.58 4.70 47.07
N ALA A 238 11.63 3.36 47.03
CA ALA A 238 11.90 2.59 48.23
C ALA A 238 13.29 2.87 48.77
N GLU A 239 14.27 3.03 47.87
CA GLU A 239 15.62 3.35 48.31
C GLU A 239 15.67 4.72 48.97
N THR A 240 14.96 5.69 48.41
CA THR A 240 14.91 7.01 49.05
C THR A 240 14.28 6.92 50.44
N VAL A 241 13.19 6.17 50.55
CA VAL A 241 12.52 6.02 51.85
C VAL A 241 13.44 5.32 52.84
N ARG A 242 14.16 4.29 52.39
CA ARG A 242 15.09 3.59 53.26
C ARG A 242 16.17 4.52 53.75
N ASP A 243 16.72 5.34 52.85
CA ASP A 243 17.75 6.29 53.24
C ASP A 243 17.22 7.26 54.29
N LEU A 244 16.01 7.78 54.08
CA LEU A 244 15.42 8.70 55.05
C LEU A 244 15.26 8.03 56.40
N LEU A 245 14.69 6.81 56.41
CA LEU A 245 14.47 6.11 57.67
C LEU A 245 15.78 5.83 58.39
N GLN A 246 16.80 5.38 57.65
CA GLN A 246 18.09 5.10 58.25
C GLN A 246 18.70 6.36 58.84
N GLU A 247 18.60 7.48 58.12
CA GLU A 247 19.08 8.74 58.66
C GLU A 247 18.35 9.09 59.95
N TYR A 248 17.05 8.80 60.01
CA TYR A 248 16.29 8.98 61.24
C TYR A 248 16.53 7.88 62.25
N GLY A 249 17.28 6.84 61.89
CA GLY A 249 17.63 5.78 62.81
C GLY A 249 16.50 4.85 63.16
N ALA A 250 15.64 4.52 62.19
CA ALA A 250 14.54 3.60 62.39
C ALA A 250 14.51 2.57 61.27
N PRO A 251 15.50 1.69 61.22
CA PRO A 251 15.49 0.61 60.23
C PRO A 251 14.65 -0.56 60.69
N ILE A 252 14.12 -1.29 59.71
CA ILE A 252 13.23 -2.42 59.99
C ILE A 252 14.05 -3.70 60.08
N VAL A 253 14.71 -4.06 58.98
CA VAL A 253 15.49 -5.30 58.94
C VAL A 253 16.92 -4.99 58.52
N ASP A 254 17.09 -4.50 57.30
CA ASP A 254 18.42 -4.18 56.79
C ASP A 254 18.31 -3.36 55.51
N PRO A 255 19.41 -2.78 55.05
CA PRO A 255 19.33 -1.92 53.85
C PRO A 255 18.72 -2.62 52.64
N ILE A 256 19.00 -3.92 52.46
CA ILE A 256 18.51 -4.61 51.28
C ILE A 256 17.06 -5.07 51.46
N ASN A 257 16.72 -5.59 52.63
CA ASN A 257 15.38 -6.11 52.86
C ASN A 257 14.35 -4.99 53.00
N ASP A 258 14.71 -3.91 53.68
CA ASP A 258 13.82 -2.77 53.81
C ASP A 258 13.35 -2.31 52.44
N ILE A 259 14.26 -2.29 51.46
CA ILE A 259 13.88 -1.92 50.10
C ILE A 259 12.80 -2.86 49.59
N ARG A 260 12.98 -4.17 49.81
CA ARG A 260 11.99 -5.13 49.34
C ARG A 260 10.62 -4.85 49.95
N ILE A 261 10.55 -4.72 51.26
CA ILE A 261 9.25 -4.51 51.90
C ILE A 261 8.62 -3.22 51.41
N ILE A 262 9.39 -2.12 51.42
CA ILE A 262 8.84 -0.82 51.04
C ILE A 262 8.36 -0.85 49.60
N ALA A 263 9.17 -1.43 48.70
CA ALA A 263 8.79 -1.47 47.29
C ALA A 263 7.54 -2.30 47.07
N VAL A 264 7.43 -3.46 47.74
CA VAL A 264 6.25 -4.30 47.56
C VAL A 264 5.01 -3.56 48.04
N VAL A 265 5.09 -2.92 49.21
CA VAL A 265 3.93 -2.21 49.73
C VAL A 265 3.54 -1.06 48.81
N SER A 266 4.54 -0.31 48.33
CA SER A 266 4.25 0.84 47.46
C SER A 266 3.64 0.39 46.14
N VAL A 267 4.16 -0.69 45.56
CA VAL A 267 3.63 -1.17 44.29
C VAL A 267 2.21 -1.70 44.48
N THR A 268 1.94 -2.33 45.63
CA THR A 268 0.57 -2.74 45.91
C THR A 268 -0.37 -1.55 46.01
N VAL A 269 0.07 -0.48 46.69
CA VAL A 269 -0.75 0.71 46.79
C VAL A 269 -1.00 1.31 45.41
N LEU A 270 0.03 1.34 44.57
CA LEU A 270 -0.14 1.86 43.21
C LEU A 270 -1.11 1.02 42.42
N LEU A 271 -1.03 -0.31 42.54
CA LEU A 271 -1.98 -1.19 41.87
C LEU A 271 -3.39 -0.91 42.33
N ALA A 272 -3.59 -0.74 43.63
CA ALA A 272 -4.92 -0.40 44.14
C ALA A 272 -5.41 0.91 43.55
N ILE A 273 -4.54 1.90 43.47
CA ILE A 273 -4.94 3.20 42.91
C ILE A 273 -5.35 3.05 41.46
N SER A 274 -4.57 2.29 40.68
CA SER A 274 -4.85 2.16 39.25
C SER A 274 -6.13 1.40 38.98
N LEU A 275 -6.41 0.35 39.77
CA LEU A 275 -7.62 -0.43 39.57
C LEU A 275 -8.89 0.36 39.89
N ALA A 276 -8.77 1.46 40.63
CA ALA A 276 -9.94 2.26 40.98
C ALA A 276 -10.51 3.01 39.79
N GLY A 277 -9.81 3.05 38.66
CA GLY A 277 -10.27 3.77 37.49
C GLY A 277 -9.31 4.87 37.09
N MET A 278 -9.56 5.42 35.91
CA MET A 278 -8.70 6.46 35.36
C MET A 278 -8.89 7.79 36.05
N GLU A 279 -10.07 8.05 36.63
CA GLU A 279 -10.27 9.31 37.33
C GLU A 279 -9.34 9.43 38.52
N TRP A 280 -9.24 8.37 39.32
CA TRP A 280 -8.34 8.40 40.47
C TRP A 280 -6.88 8.43 40.03
N GLU A 281 -6.56 7.74 38.94
CA GLU A 281 -5.19 7.82 38.41
C GLU A 281 -4.84 9.25 38.03
N SER A 282 -5.77 9.94 37.37
CA SER A 282 -5.54 11.34 37.00
C SER A 282 -5.42 12.21 38.24
N LYS A 283 -6.25 11.97 39.26
CA LYS A 283 -6.15 12.75 40.48
C LYS A 283 -4.79 12.58 41.14
N ALA A 284 -4.30 11.34 41.21
CA ALA A 284 -2.99 11.09 41.78
C ALA A 284 -1.90 11.76 40.95
N GLN A 285 -2.02 11.70 39.62
CA GLN A 285 -1.05 12.37 38.76
C GLN A 285 -1.00 13.85 39.05
N VAL A 286 -2.18 14.48 39.17
CA VAL A 286 -2.22 15.92 39.44
C VAL A 286 -1.64 16.23 40.80
N LEU A 287 -1.90 15.38 41.80
CA LEU A 287 -1.32 15.60 43.12
C LEU A 287 0.21 15.54 43.07
N PHE A 288 0.75 14.55 42.37
CA PHE A 288 2.21 14.45 42.26
C PHE A 288 2.78 15.65 41.52
N PHE A 289 2.09 16.11 40.48
CA PHE A 289 2.54 17.31 39.76
C PHE A 289 2.57 18.52 40.69
N LEU A 290 1.52 18.67 41.52
CA LEU A 290 1.50 19.78 42.46
C LEU A 290 2.65 19.68 43.45
N VAL A 291 2.93 18.47 43.93
CA VAL A 291 4.04 18.29 44.88
C VAL A 291 5.35 18.68 44.24
N ILE A 292 5.57 18.27 42.99
CA ILE A 292 6.81 18.61 42.30
C ILE A 292 6.91 20.12 42.10
N MET A 293 5.81 20.76 41.74
CA MET A 293 5.82 22.22 41.58
C MET A 293 6.17 22.90 42.89
N VAL A 294 5.61 22.43 44.00
CA VAL A 294 5.92 23.00 45.31
C VAL A 294 7.41 22.81 45.61
N SER A 295 7.97 21.65 45.27
CA SER A 295 9.39 21.42 45.48
C SER A 295 10.24 22.39 44.68
N PHE A 296 9.87 22.63 43.42
CA PHE A 296 10.60 23.60 42.61
C PHE A 296 10.54 24.99 43.23
N ALA A 297 9.35 25.40 43.67
CA ALA A 297 9.21 26.71 44.30
C ALA A 297 10.05 26.80 45.56
N ASN A 298 10.07 25.73 46.36
CA ASN A 298 10.87 25.72 47.58
C ASN A 298 12.35 25.88 47.25
N TYR A 299 12.84 25.15 46.25
CA TYR A 299 14.24 25.28 45.90
C TYR A 299 14.56 26.68 45.40
N LEU A 300 13.69 27.24 44.57
CA LEU A 300 13.93 28.59 44.05
C LEU A 300 13.95 29.62 45.16
N VAL A 301 13.02 29.51 46.12
CA VAL A 301 13.00 30.44 47.23
C VAL A 301 14.27 30.29 48.07
N GLY A 302 14.66 29.05 48.37
CA GLY A 302 15.86 28.84 49.14
C GLY A 302 17.10 29.41 48.48
N THR A 303 17.18 29.30 47.15
CA THR A 303 18.37 29.78 46.44
C THR A 303 18.48 31.29 46.42
N LEU A 304 17.55 32.02 47.01
CA LEU A 304 17.59 33.48 47.00
C LEU A 304 17.86 34.10 48.36
N ILE A 305 17.45 33.44 49.44
CA ILE A 305 17.66 33.99 50.78
C ILE A 305 19.15 34.01 51.09
N PRO A 306 19.62 34.93 51.94
CA PRO A 306 21.05 34.99 52.22
C PRO A 306 21.51 33.72 52.90
N PRO A 307 22.77 33.33 52.69
CA PRO A 307 23.24 32.05 53.24
C PRO A 307 23.50 32.14 54.73
N SER A 308 22.96 31.18 55.48
CA SER A 308 23.21 31.08 56.89
C SER A 308 24.57 30.43 57.14
N GLU A 309 24.97 30.36 58.41
CA GLU A 309 26.27 29.76 58.73
C GLU A 309 26.33 28.32 58.26
N ASP A 310 25.27 27.54 58.53
CA ASP A 310 25.26 26.15 58.10
C ASP A 310 25.37 26.05 56.59
N LYS A 311 24.55 26.81 55.86
CA LYS A 311 24.61 26.77 54.41
C LYS A 311 25.94 27.31 53.89
N ALA A 312 26.44 28.39 54.51
CA ALA A 312 27.69 28.97 54.03
C ALA A 312 28.84 28.00 54.18
N SER A 313 28.89 27.26 55.29
CA SER A 313 29.96 26.30 55.52
C SER A 313 29.84 25.06 54.64
N LYS A 314 28.89 25.05 53.69
CA LYS A 314 28.70 23.92 52.81
C LYS A 314 28.82 24.28 51.35
N GLY A 315 29.24 25.50 51.02
CA GLY A 315 29.48 25.92 49.66
C GLY A 315 28.42 26.84 49.09
N PHE A 316 27.26 26.94 49.72
CA PHE A 316 26.19 27.79 49.18
C PHE A 316 26.46 29.24 49.58
N PHE A 317 26.34 30.15 48.61
CA PHE A 317 26.61 31.56 48.86
C PHE A 317 25.61 32.49 48.17
N SER A 318 24.53 31.97 47.58
CA SER A 318 23.63 32.79 46.80
C SER A 318 24.32 33.24 45.52
N TYR A 319 23.53 33.60 44.51
CA TYR A 319 24.07 33.99 43.21
C TYR A 319 25.25 34.93 43.35
N ARG A 320 26.38 34.53 42.77
CA ARG A 320 27.59 35.33 42.75
C ARG A 320 28.20 35.24 41.36
N ALA A 321 28.61 36.39 40.82
CA ALA A 321 29.19 36.40 39.48
C ALA A 321 30.46 35.55 39.43
N ASP A 322 31.26 35.60 40.50
CA ASP A 322 32.49 34.82 40.53
C ASP A 322 32.20 33.33 40.45
N ILE A 323 31.22 32.85 41.24
CA ILE A 323 30.89 31.43 41.23
C ILE A 323 30.36 31.03 39.86
N PHE A 324 29.49 31.84 39.28
CA PHE A 324 28.94 31.52 37.97
C PHE A 324 30.04 31.43 36.93
N VAL A 325 30.98 32.38 36.94
CA VAL A 325 32.07 32.37 35.96
C VAL A 325 32.96 31.15 36.16
N GLN A 326 33.28 30.83 37.42
CA GLN A 326 34.17 29.70 37.67
C GLN A 326 33.51 28.38 37.31
N ASN A 327 32.19 28.27 37.50
CA ASN A 327 31.49 27.01 37.30
C ASN A 327 31.10 26.77 35.84
N LEU A 328 31.69 27.53 34.91
CA LEU A 328 31.40 27.36 33.49
C LEU A 328 32.25 26.29 32.84
N VAL A 329 33.53 26.21 33.19
CA VAL A 329 34.44 25.23 32.62
C VAL A 329 34.29 23.92 33.40
N PRO A 330 34.58 22.78 32.78
CA PRO A 330 34.45 21.50 33.49
C PRO A 330 35.57 21.29 34.50
N ASP A 331 35.28 20.44 35.48
CA ASP A 331 36.26 20.03 36.47
C ASP A 331 36.01 18.55 36.76
N TRP A 332 36.65 17.69 35.97
CA TRP A 332 36.41 16.26 36.04
C TRP A 332 37.10 15.66 37.26
N ARG A 333 36.45 14.66 37.86
CA ARG A 333 36.95 14.04 39.08
C ARG A 333 36.43 12.62 39.17
N GLY A 334 37.24 11.74 39.76
CA GLY A 334 36.84 10.38 39.99
C GLY A 334 36.84 9.54 38.73
N PRO A 335 36.36 8.30 38.85
CA PRO A 335 36.37 7.41 37.67
C PRO A 335 35.29 7.72 36.66
N ASP A 336 34.29 8.52 37.02
CA ASP A 336 33.19 8.86 36.12
C ASP A 336 33.27 10.30 35.65
N GLY A 337 34.36 11.01 35.93
CA GLY A 337 34.49 12.39 35.52
C GLY A 337 34.76 12.55 34.05
N THR A 338 33.85 12.06 33.21
CA THR A 338 34.00 12.15 31.78
C THR A 338 32.69 12.63 31.17
N PHE A 339 32.79 13.30 30.02
CA PHE A 339 31.58 13.79 29.35
C PHE A 339 30.63 12.65 29.06
N PHE A 340 31.16 11.54 28.54
CA PHE A 340 30.30 10.41 28.23
C PHE A 340 29.65 9.85 29.50
N GLY A 341 30.37 9.87 30.62
CA GLY A 341 29.77 9.40 31.85
C GLY A 341 28.55 10.22 32.25
N MET A 342 28.68 11.54 32.18
CA MET A 342 27.55 12.41 32.51
C MET A 342 26.40 12.21 31.54
N PHE A 343 26.72 12.07 30.24
CA PHE A 343 25.65 11.84 29.27
C PHE A 343 24.93 10.53 29.54
N GLU A 344 25.68 9.48 29.87
CA GLU A 344 25.07 8.19 30.16
C GLU A 344 24.22 8.26 31.42
N ILE A 345 24.64 9.07 32.40
CA ILE A 345 23.84 9.22 33.61
C ILE A 345 22.54 9.97 33.31
N PHE A 346 22.61 11.01 32.49
CA PHE A 346 21.47 11.89 32.31
C PHE A 346 20.48 11.36 31.27
N PHE A 347 20.95 11.12 30.04
CA PHE A 347 20.04 10.84 28.93
C PHE A 347 19.00 9.77 29.24
N PRO A 348 19.37 8.59 29.73
CA PRO A 348 18.33 7.57 30.00
C PRO A 348 17.39 7.95 31.12
N SER A 349 17.69 9.01 31.87
CA SER A 349 16.84 9.38 33.00
C SER A 349 15.66 10.22 32.56
N ALA A 350 15.81 11.00 31.49
CA ALA A 350 14.75 11.92 31.03
C ALA A 350 14.48 11.64 29.56
N THR A 351 13.67 10.62 29.29
CA THR A 351 13.22 10.33 27.93
C THR A 351 11.79 9.82 27.87
N GLY A 352 11.08 9.74 29.00
CA GLY A 352 9.76 9.14 29.02
C GLY A 352 8.67 10.05 28.47
N ILE A 353 8.70 10.28 27.16
CA ILE A 353 7.77 11.23 26.54
C ILE A 353 6.48 10.58 26.05
N LEU A 354 6.37 9.26 26.09
CA LEU A 354 5.21 8.57 25.57
C LEU A 354 4.16 8.28 26.63
N ALA A 355 4.30 8.85 27.82
CA ALA A 355 3.31 8.60 28.87
C ALA A 355 1.93 9.09 28.47
N GLY A 356 1.85 10.26 27.85
CA GLY A 356 0.56 10.80 27.47
C GLY A 356 -0.07 10.11 26.29
N ALA A 357 0.74 9.64 25.35
CA ALA A 357 0.23 8.97 24.16
C ALA A 357 -0.17 7.53 24.41
N ASN A 358 0.17 6.97 25.57
CA ASN A 358 -0.19 5.60 25.89
C ASN A 358 -1.60 5.47 26.44
N ILE A 359 -2.29 6.58 26.68
CA ILE A 359 -3.67 6.55 27.14
C ILE A 359 -4.53 7.18 26.06
N SER A 360 -4.13 7.02 24.80
CA SER A 360 -4.87 7.62 23.70
C SER A 360 -6.33 7.21 23.70
N GLY A 361 -6.64 6.02 24.21
CA GLY A 361 -8.02 5.59 24.29
C GLY A 361 -8.84 6.33 25.34
N ASP A 362 -8.19 7.11 26.19
CA ASP A 362 -8.88 7.86 27.24
C ASP A 362 -8.86 9.36 26.98
N LEU A 363 -8.44 9.79 25.81
CA LEU A 363 -8.41 11.20 25.45
C LEU A 363 -9.68 11.58 24.72
N LYS A 364 -9.92 12.89 24.61
CA LYS A 364 -11.10 13.38 23.91
C LYS A 364 -10.85 13.50 22.41
N ASP A 365 -9.81 14.22 22.02
CA ASP A 365 -9.39 14.33 20.62
C ASP A 365 -7.90 14.06 20.55
N PRO A 366 -7.50 12.78 20.47
CA PRO A 366 -6.06 12.48 20.49
C PRO A 366 -5.27 13.21 19.43
N ALA A 367 -5.83 13.36 18.23
CA ALA A 367 -5.13 14.04 17.15
C ALA A 367 -4.81 15.49 17.48
N ILE A 368 -5.56 16.11 18.38
CA ILE A 368 -5.30 17.48 18.79
C ILE A 368 -4.50 17.58 20.08
N ALA A 369 -4.59 16.57 20.96
CA ALA A 369 -3.96 16.63 22.26
C ALA A 369 -2.57 16.01 22.32
N ILE A 370 -2.33 14.91 21.60
CA ILE A 370 -1.05 14.22 21.72
C ILE A 370 0.09 15.12 21.28
N PRO A 371 0.03 15.72 20.10
CA PRO A 371 1.16 16.56 19.66
C PRO A 371 1.39 17.75 20.56
N LYS A 372 0.36 18.55 20.79
CA LYS A 372 0.49 19.75 21.62
C LYS A 372 1.01 19.39 23.01
N GLY A 373 0.35 18.42 23.66
CA GLY A 373 0.76 18.06 25.00
C GLY A 373 2.18 17.55 25.06
N THR A 374 2.55 16.65 24.15
CA THR A 374 3.89 16.07 24.17
C THR A 374 4.95 17.15 23.95
N LEU A 375 4.76 18.00 22.95
CA LEU A 375 5.76 19.02 22.66
C LEU A 375 5.86 20.03 23.80
N MET A 376 4.73 20.43 24.38
CA MET A 376 4.78 21.36 25.49
C MET A 376 5.49 20.75 26.69
N ALA A 377 5.23 19.47 26.96
CA ALA A 377 5.90 18.80 28.06
C ALA A 377 7.40 18.77 27.84
N ILE A 378 7.83 18.43 26.62
CA ILE A 378 9.26 18.39 26.34
C ILE A 378 9.89 19.76 26.54
N PHE A 379 9.24 20.80 26.02
CA PHE A 379 9.78 22.15 26.15
C PHE A 379 9.90 22.56 27.62
N TRP A 380 8.85 22.32 28.41
CA TRP A 380 8.86 22.75 29.80
C TRP A 380 9.89 21.97 30.61
N THR A 381 10.01 20.66 30.37
CA THR A 381 11.02 19.88 31.09
C THR A 381 12.42 20.35 30.73
N THR A 382 12.66 20.65 29.45
CA THR A 382 13.98 21.16 29.06
C THR A 382 14.28 22.48 29.75
N ILE A 383 13.28 23.37 29.81
CA ILE A 383 13.48 24.65 30.48
C ILE A 383 13.82 24.43 31.95
N SER A 384 13.09 23.51 32.61
CA SER A 384 13.37 23.24 34.01
C SER A 384 14.79 22.73 34.20
N TYR A 385 15.22 21.80 33.36
CA TYR A 385 16.57 21.27 33.49
C TYR A 385 17.61 22.37 33.33
N LEU A 386 17.47 23.19 32.29
CA LEU A 386 18.43 24.26 32.06
C LEU A 386 18.46 25.24 33.22
N ALA A 387 17.29 25.65 33.71
CA ALA A 387 17.23 26.62 34.79
C ALA A 387 17.85 26.06 36.06
N ILE A 388 17.53 24.81 36.40
CA ILE A 388 18.08 24.21 37.61
C ILE A 388 19.60 24.14 37.49
N SER A 389 20.10 23.69 36.35
CA SER A 389 21.53 23.59 36.17
C SER A 389 22.21 24.94 36.38
N ALA A 390 21.71 25.97 35.68
CA ALA A 390 22.35 27.28 35.79
C ALA A 390 22.27 27.83 37.21
N THR A 391 21.09 27.79 37.82
CA THR A 391 20.94 28.36 39.16
C THR A 391 21.82 27.64 40.18
N ILE A 392 21.84 26.31 40.14
CA ILE A 392 22.68 25.59 41.09
C ILE A 392 24.16 25.83 40.84
N GLY A 393 24.58 25.95 39.58
CA GLY A 393 25.97 26.25 39.33
C GLY A 393 26.38 27.65 39.66
N SER A 394 25.42 28.58 39.77
CA SER A 394 25.72 29.96 40.08
C SER A 394 25.66 30.30 41.56
N CYS A 395 25.45 29.31 42.43
CA CYS A 395 25.25 29.58 43.85
C CYS A 395 26.13 28.75 44.77
N VAL A 396 26.58 27.58 44.36
CA VAL A 396 27.30 26.67 45.23
C VAL A 396 28.70 26.44 44.66
N VAL A 397 29.71 26.52 45.53
CA VAL A 397 31.07 26.22 45.11
C VAL A 397 31.27 24.72 45.05
N ARG A 398 32.31 24.31 44.33
CA ARG A 398 32.54 22.88 44.12
C ARG A 398 33.04 22.18 45.37
N ASP A 399 33.73 22.91 46.25
CA ASP A 399 34.36 22.31 47.42
C ASP A 399 33.99 23.09 48.67
N ALA A 400 33.69 22.35 49.74
CA ALA A 400 33.36 22.97 51.02
C ALA A 400 33.56 21.94 52.12
N SER A 401 34.30 22.33 53.16
CA SER A 401 34.59 21.39 54.25
C SER A 401 33.32 20.94 54.96
N GLY A 402 32.42 21.87 55.25
CA GLY A 402 31.21 21.56 55.97
C GLY A 402 31.26 21.84 57.45
N VAL A 403 32.39 22.30 57.97
CA VAL A 403 32.53 22.59 59.40
C VAL A 403 32.48 24.09 59.60
N LEU A 404 31.78 24.52 60.66
CA LEU A 404 31.61 25.93 60.94
C LEU A 404 32.87 26.60 61.45
N ASN A 405 33.91 25.84 61.77
CA ASN A 405 35.15 26.38 62.29
C ASN A 405 36.08 26.88 61.19
N ASP A 406 35.77 26.61 59.93
CA ASP A 406 36.64 26.94 58.81
C ASP A 406 36.45 28.36 58.31
N THR A 407 35.87 29.24 59.13
CA THR A 407 35.77 30.64 58.74
C THR A 407 37.15 31.27 58.66
N VAL A 408 37.31 32.18 57.71
CA VAL A 408 38.59 32.84 57.48
C VAL A 408 38.72 33.99 58.45
N THR A 409 39.80 33.97 59.24
CA THR A 409 40.14 35.06 60.13
C THR A 409 41.62 35.39 59.99
N PRO A 410 42.02 36.64 60.29
CA PRO A 410 43.42 37.03 60.11
C PRO A 410 44.28 36.51 61.25
N GLY A 411 45.38 35.84 60.88
CA GLY A 411 46.29 35.30 61.87
C GLY A 411 46.58 33.82 61.69
N TRP A 412 45.57 33.06 61.27
CA TRP A 412 45.71 31.62 61.06
C TRP A 412 45.07 31.23 59.74
N GLY A 413 45.71 30.30 59.04
CA GLY A 413 45.22 29.83 57.76
C GLY A 413 45.70 30.69 56.60
N ALA A 414 45.75 30.05 55.43
CA ALA A 414 46.15 30.71 54.18
C ALA A 414 45.03 30.49 53.18
N CYS A 415 44.19 31.49 52.99
CA CYS A 415 43.00 31.32 52.17
C CYS A 415 43.39 31.01 50.73
N GLU A 416 42.58 30.15 50.09
CA GLU A 416 42.81 29.75 48.71
C GLU A 416 41.47 29.73 47.99
N GLY A 417 41.42 30.36 46.83
CA GLY A 417 40.23 30.34 46.00
C GLY A 417 39.25 31.44 46.34
N LEU A 418 38.20 31.50 45.52
CA LEU A 418 37.15 32.50 45.72
C LEU A 418 36.46 32.34 47.06
N ALA A 419 36.35 31.10 47.55
CA ALA A 419 35.64 30.86 48.79
C ALA A 419 36.25 31.63 49.96
N CYS A 420 37.51 32.03 49.85
CA CYS A 420 38.14 32.83 50.89
C CYS A 420 37.87 34.32 50.74
N SER A 421 37.21 34.72 49.66
CA SER A 421 36.79 36.11 49.51
C SER A 421 35.50 36.42 50.24
N TYR A 422 34.69 35.40 50.53
CA TYR A 422 33.47 35.57 51.32
C TYR A 422 33.67 35.23 52.79
N GLY A 423 34.89 34.90 53.19
CA GLY A 423 35.18 34.65 54.59
C GLY A 423 35.10 33.18 54.98
N TRP A 424 35.58 32.30 54.11
CA TRP A 424 35.58 30.87 54.38
C TRP A 424 36.84 30.24 53.83
N ASN A 425 37.47 29.38 54.63
CA ASN A 425 38.74 28.76 54.31
C ASN A 425 38.52 27.26 54.14
N PHE A 426 38.49 26.80 52.89
CA PHE A 426 38.44 25.38 52.58
C PHE A 426 39.76 24.88 52.02
N THR A 427 40.86 25.51 52.42
CA THR A 427 42.16 25.16 51.86
C THR A 427 42.54 23.72 52.21
N GLU A 428 42.33 23.31 53.46
CA GLU A 428 42.74 21.98 53.87
C GLU A 428 41.99 20.90 53.09
N CYS A 429 40.67 21.04 52.97
CA CYS A 429 39.89 20.03 52.25
C CYS A 429 40.34 19.95 50.80
N THR A 430 40.54 21.09 50.16
CA THR A 430 40.97 21.09 48.76
C THR A 430 42.34 20.47 48.61
N GLN A 431 43.27 20.78 49.52
CA GLN A 431 44.62 20.23 49.42
C GLN A 431 44.61 18.71 49.57
N GLN A 432 43.95 18.20 50.62
CA GLN A 432 43.84 16.76 50.78
C GLN A 432 42.74 16.15 49.91
N HIS A 433 41.87 16.97 49.31
CA HIS A 433 40.77 16.47 48.49
C HIS A 433 39.90 15.51 49.30
N SER A 434 39.49 15.96 50.48
CA SER A 434 38.74 15.11 51.40
C SER A 434 37.51 15.76 52.00
N CYS A 435 36.99 16.84 51.42
CA CYS A 435 35.77 17.44 51.95
C CYS A 435 34.55 16.79 51.34
N HIS A 436 33.54 16.53 52.18
CA HIS A 436 32.34 15.81 51.79
C HIS A 436 31.19 16.74 51.42
N TYR A 437 31.43 18.04 51.35
CA TYR A 437 30.41 19.01 51.00
C TYR A 437 30.87 19.81 49.80
N GLY A 438 29.90 20.42 49.13
CA GLY A 438 30.14 21.14 47.89
C GLY A 438 29.37 20.54 46.73
N LEU A 439 29.31 21.32 45.65
CA LEU A 439 28.53 20.90 44.50
C LEU A 439 29.00 19.56 43.97
N ILE A 440 30.30 19.28 44.05
CA ILE A 440 30.85 18.07 43.46
C ILE A 440 30.93 16.90 44.42
N ASN A 441 30.89 17.15 45.72
CA ASN A 441 31.03 16.08 46.72
C ASN A 441 29.73 15.70 47.41
N TYR A 442 28.77 16.62 47.50
CA TYR A 442 27.50 16.36 48.18
C TYR A 442 26.42 16.08 47.15
N TYR A 443 25.74 14.95 47.31
CA TYR A 443 24.71 14.55 46.36
C TYR A 443 23.37 15.22 46.61
N GLN A 444 23.10 15.64 47.84
CA GLN A 444 21.86 16.32 48.18
C GLN A 444 22.05 17.83 48.33
N THR A 445 22.92 18.43 47.51
CA THR A 445 23.15 19.86 47.60
C THR A 445 21.89 20.64 47.25
N MET A 446 21.09 20.14 46.30
CA MET A 446 19.87 20.82 45.93
C MET A 446 18.88 20.86 47.10
N SER A 447 18.87 19.82 47.93
CA SER A 447 18.01 19.83 49.11
C SER A 447 18.56 20.74 50.19
N MET A 448 19.88 20.79 50.36
CA MET A 448 20.46 21.69 51.34
C MET A 448 20.19 23.15 50.98
N VAL A 449 20.31 23.50 49.70
CA VAL A 449 20.10 24.88 49.27
C VAL A 449 18.66 25.30 49.49
N SER A 450 17.72 24.41 49.17
CA SER A 450 16.30 24.74 49.28
C SER A 450 15.96 25.18 50.70
N GLY A 451 14.84 25.89 50.82
CA GLY A 451 14.41 26.41 52.11
C GLY A 451 13.82 25.38 53.04
N PHE A 452 13.52 24.18 52.55
CA PHE A 452 12.98 23.14 53.41
C PHE A 452 13.28 21.79 52.74
N ALA A 453 14.26 21.07 53.29
CA ALA A 453 14.62 19.78 52.72
C ALA A 453 13.45 18.82 52.59
N PRO A 454 12.54 18.72 53.56
CA PRO A 454 11.41 17.80 53.40
C PRO A 454 10.61 18.04 52.14
N LEU A 455 10.52 19.30 51.69
CA LEU A 455 9.84 19.56 50.42
C LEU A 455 10.58 18.91 49.25
N ILE A 456 11.91 18.95 49.26
CA ILE A 456 12.67 18.28 48.21
C ILE A 456 12.45 16.77 48.28
N THR A 457 12.42 16.22 49.49
CA THR A 457 12.16 14.79 49.62
C THR A 457 10.77 14.43 49.09
N ALA A 458 9.77 15.27 49.38
CA ALA A 458 8.44 15.05 48.85
C ALA A 458 8.43 15.14 47.33
N GLY A 459 9.20 16.06 46.77
CA GLY A 459 9.32 16.14 45.33
C GLY A 459 9.89 14.87 44.73
N ILE A 460 10.92 14.32 45.36
CA ILE A 460 11.49 13.05 44.90
C ILE A 460 10.44 11.95 44.97
N PHE A 461 9.73 11.87 46.08
CA PHE A 461 8.67 10.88 46.23
C PHE A 461 7.65 11.01 45.11
N GLY A 462 7.18 12.23 44.86
CA GLY A 462 6.18 12.43 43.83
C GLY A 462 6.67 12.04 42.46
N ALA A 463 7.90 12.44 42.11
CA ALA A 463 8.44 12.08 40.80
C ALA A 463 8.50 10.57 40.64
N THR A 464 9.05 9.87 41.63
CA THR A 464 9.19 8.42 41.51
C THR A 464 7.84 7.74 41.41
N LEU A 465 6.90 8.12 42.28
CA LEU A 465 5.60 7.47 42.27
C LEU A 465 4.83 7.76 40.99
N SER A 466 4.91 8.98 40.49
CA SER A 466 4.24 9.31 39.23
C SER A 466 4.82 8.49 38.09
N SER A 467 6.14 8.36 38.03
CA SER A 467 6.74 7.54 36.98
C SER A 467 6.27 6.09 37.09
N ALA A 468 6.23 5.55 38.30
CA ALA A 468 5.79 4.17 38.48
C ALA A 468 4.36 3.97 38.03
N LEU A 469 3.47 4.89 38.44
CA LEU A 469 2.06 4.78 38.06
C LEU A 469 1.88 4.89 36.55
N ALA A 470 2.57 5.85 35.93
CA ALA A 470 2.47 6.01 34.48
C ALA A 470 2.95 4.76 33.76
N CYS A 471 4.06 4.18 34.22
CA CYS A 471 4.54 2.96 33.59
C CYS A 471 3.54 1.83 33.74
N LEU A 472 2.95 1.69 34.92
CA LEU A 472 1.95 0.64 35.14
C LEU A 472 0.79 0.78 34.17
N VAL A 473 0.22 1.99 34.10
CA VAL A 473 -0.95 2.19 33.24
C VAL A 473 -0.59 1.98 31.78
N SER A 474 0.55 2.50 31.36
CA SER A 474 0.96 2.36 29.96
C SER A 474 1.14 0.89 29.60
N ALA A 475 1.82 0.13 30.46
CA ALA A 475 2.02 -1.28 30.18
C ALA A 475 0.69 -2.00 30.08
N ALA A 476 -0.22 -1.74 31.01
CA ALA A 476 -1.51 -2.42 30.99
C ALA A 476 -2.26 -2.12 29.69
N LYS A 477 -2.35 -0.85 29.33
CA LYS A 477 -3.12 -0.49 28.13
C LYS A 477 -2.49 -1.08 26.87
N VAL A 478 -1.17 -0.96 26.74
CA VAL A 478 -0.50 -1.45 25.54
C VAL A 478 -0.68 -2.96 25.43
N PHE A 479 -0.51 -3.68 26.53
CA PHE A 479 -0.66 -5.13 26.48
C PHE A 479 -2.10 -5.52 26.16
N GLN A 480 -3.07 -4.79 26.70
CA GLN A 480 -4.46 -5.12 26.40
C GLN A 480 -4.74 -4.96 24.92
N CYS A 481 -4.25 -3.87 24.31
CA CYS A 481 -4.44 -3.70 22.87
C CYS A 481 -3.75 -4.82 22.09
N LEU A 482 -2.50 -5.13 22.46
CA LEU A 482 -1.76 -6.17 21.74
C LEU A 482 -2.49 -7.50 21.80
N CYS A 483 -2.97 -7.89 22.99
CA CYS A 483 -3.74 -9.12 23.11
C CYS A 483 -5.05 -9.06 22.35
N GLU A 484 -5.68 -7.88 22.25
CA GLU A 484 -6.87 -7.75 21.43
C GLU A 484 -6.56 -8.07 19.98
N ASP A 485 -5.42 -7.60 19.48
CA ASP A 485 -5.10 -7.81 18.08
C ASP A 485 -4.87 -9.28 17.72
N GLN A 486 -4.56 -10.12 18.70
CA GLN A 486 -4.38 -11.56 18.48
C GLN A 486 -3.28 -11.84 17.45
N LEU A 487 -2.06 -11.43 17.81
CA LEU A 487 -0.89 -11.74 17.02
C LEU A 487 -0.02 -12.82 17.66
N TYR A 488 -0.38 -13.30 18.84
CA TYR A 488 0.39 -14.27 19.59
C TYR A 488 -0.53 -15.38 20.07
N PRO A 489 0.03 -16.54 20.41
CA PRO A 489 -0.81 -17.75 20.55
C PRO A 489 -1.46 -17.89 21.92
N LEU A 490 -0.89 -17.31 22.96
CA LEU A 490 -1.38 -17.53 24.31
C LEU A 490 -1.74 -16.27 25.08
N ILE A 491 -1.12 -15.13 24.75
CA ILE A 491 -1.32 -13.91 25.52
C ILE A 491 -2.73 -13.39 25.33
N GLY A 492 -3.51 -14.05 24.47
CA GLY A 492 -4.88 -13.62 24.23
C GLY A 492 -5.74 -13.60 25.46
N PHE A 493 -5.37 -14.36 26.49
CA PHE A 493 -6.18 -14.39 27.71
C PHE A 493 -6.38 -13.00 28.29
N PHE A 494 -5.31 -12.22 28.34
CA PHE A 494 -5.39 -10.85 28.83
C PHE A 494 -6.03 -9.96 27.77
N GLY A 495 -6.78 -8.97 28.22
CA GLY A 495 -7.41 -8.06 27.29
C GLY A 495 -8.91 -7.94 27.50
N LYS A 496 -9.43 -8.70 28.45
CA LYS A 496 -10.85 -8.66 28.76
C LYS A 496 -11.17 -7.34 29.46
N GLY A 497 -11.80 -6.42 28.75
CA GLY A 497 -12.21 -5.16 29.34
C GLY A 497 -13.20 -5.38 30.47
N TYR A 498 -13.62 -4.29 31.12
CA TYR A 498 -14.55 -4.40 32.25
C TYR A 498 -15.55 -3.27 32.16
N GLY A 499 -16.37 -3.13 33.21
CA GLY A 499 -17.47 -2.20 33.22
C GLY A 499 -17.18 -0.82 32.68
N LYS A 500 -18.14 -0.25 31.95
CA LYS A 500 -18.00 1.09 31.40
C LYS A 500 -16.74 1.16 30.54
N ASN A 501 -15.64 1.64 31.12
CA ASN A 501 -14.36 1.61 30.42
C ASN A 501 -13.80 0.20 30.46
N LYS A 502 -13.38 -0.31 29.31
CA LYS A 502 -12.85 -1.67 29.23
C LYS A 502 -11.46 -1.67 29.86
N GLU A 503 -11.42 -1.61 31.19
CA GLU A 503 -10.16 -1.55 31.92
C GLU A 503 -9.51 -2.93 31.95
N PRO A 504 -8.26 -3.06 31.54
CA PRO A 504 -7.63 -4.38 31.54
C PRO A 504 -7.17 -4.80 32.92
N VAL A 505 -8.09 -5.33 33.73
CA VAL A 505 -7.72 -5.77 35.08
C VAL A 505 -6.70 -6.89 35.00
N ARG A 506 -6.86 -7.81 34.05
CA ARG A 506 -5.89 -8.88 33.88
C ARG A 506 -4.52 -8.32 33.55
N GLY A 507 -4.47 -7.33 32.66
CA GLY A 507 -3.19 -6.71 32.33
C GLY A 507 -2.57 -6.01 33.53
N TYR A 508 -3.38 -5.33 34.33
CA TYR A 508 -2.87 -4.70 35.54
C TYR A 508 -2.28 -5.74 36.48
N LEU A 509 -2.98 -6.86 36.65
CA LEU A 509 -2.48 -7.92 37.53
C LEU A 509 -1.17 -8.49 37.01
N LEU A 510 -1.08 -8.72 35.69
CA LEU A 510 0.15 -9.25 35.13
C LEU A 510 1.32 -8.29 35.32
N ALA A 511 1.08 -7.00 35.04
CA ALA A 511 2.13 -6.01 35.22
C ALA A 511 2.56 -5.91 36.67
N TYR A 512 1.60 -5.94 37.59
CA TYR A 512 1.94 -5.87 39.01
C TYR A 512 2.73 -7.11 39.44
N ALA A 513 2.36 -8.28 38.92
CA ALA A 513 3.10 -9.49 39.25
C ALA A 513 4.54 -9.39 38.76
N ILE A 514 4.74 -8.93 37.53
CA ILE A 514 6.10 -8.78 37.01
C ILE A 514 6.88 -7.77 37.84
N ALA A 515 6.23 -6.65 38.20
CA ALA A 515 6.90 -5.62 38.98
C ALA A 515 7.30 -6.15 40.35
N VAL A 516 6.42 -6.91 41.00
CA VAL A 516 6.76 -7.48 42.29
C VAL A 516 7.89 -8.49 42.16
N ALA A 517 7.85 -9.31 41.12
CA ALA A 517 8.91 -10.29 40.92
C ALA A 517 10.26 -9.59 40.74
N PHE A 518 10.28 -8.47 40.02
CA PHE A 518 11.54 -7.77 39.83
C PHE A 518 11.94 -6.98 41.07
N ILE A 519 10.97 -6.52 41.86
CA ILE A 519 11.29 -5.82 43.09
C ILE A 519 11.91 -6.77 44.11
N ILE A 520 11.42 -8.02 44.14
CA ILE A 520 11.96 -8.99 45.08
C ILE A 520 13.47 -9.13 44.90
N ILE A 521 13.95 -9.00 43.66
CA ILE A 521 15.39 -8.96 43.42
C ILE A 521 16.00 -7.77 44.14
N ALA A 522 15.37 -6.60 44.02
CA ALA A 522 15.79 -5.40 44.72
C ALA A 522 17.07 -4.82 44.12
N GLU A 523 17.67 -5.55 43.18
CA GLU A 523 18.89 -5.11 42.51
C GLU A 523 18.62 -5.05 41.02
N LEU A 524 18.75 -3.86 40.44
CA LEU A 524 18.44 -3.67 39.03
C LEU A 524 19.50 -2.88 38.28
N ASN A 525 20.65 -2.60 38.89
CA ASN A 525 21.68 -1.85 38.20
C ASN A 525 22.17 -2.58 36.95
N THR A 526 22.00 -3.89 36.89
CA THR A 526 22.37 -4.67 35.72
C THR A 526 21.18 -4.97 34.81
N ILE A 527 19.99 -4.48 35.14
CA ILE A 527 18.81 -4.69 34.31
C ILE A 527 18.36 -3.37 33.72
N ALA A 528 18.60 -2.28 34.45
CA ALA A 528 18.18 -0.96 34.00
C ALA A 528 18.67 -0.62 32.60
N PRO A 529 19.93 -0.88 32.23
CA PRO A 529 20.35 -0.63 30.85
C PRO A 529 19.51 -1.37 29.84
N ILE A 530 19.07 -2.60 30.16
CA ILE A 530 18.26 -3.36 29.22
C ILE A 530 16.93 -2.66 28.97
N ILE A 531 16.29 -2.19 30.04
CA ILE A 531 15.02 -1.49 29.89
C ILE A 531 15.22 -0.19 29.12
N SER A 532 16.29 0.54 29.42
CA SER A 532 16.56 1.77 28.71
C SER A 532 16.75 1.51 27.22
N ASN A 533 17.46 0.43 26.89
CA ASN A 533 17.66 0.10 25.49
C ASN A 533 16.38 -0.36 24.81
N PHE A 534 15.49 -1.02 25.56
CA PHE A 534 14.17 -1.33 25.00
C PHE A 534 13.42 -0.05 24.65
N PHE A 535 13.46 0.93 25.55
CA PHE A 535 12.80 2.20 25.26
C PHE A 535 13.43 2.89 24.05
N LEU A 536 14.76 2.83 23.95
CA LEU A 536 15.43 3.39 22.79
C LEU A 536 15.03 2.68 21.50
N CYS A 537 14.87 1.35 21.56
CA CYS A 537 14.37 0.62 20.39
C CYS A 537 12.98 1.09 20.01
N SER A 538 12.13 1.31 21.00
CA SER A 538 10.79 1.84 20.71
C SER A 538 10.87 3.20 20.04
N TYR A 539 11.75 4.07 20.54
CA TYR A 539 11.92 5.38 19.91
C TYR A 539 12.41 5.27 18.48
N ALA A 540 13.39 4.39 18.23
CA ALA A 540 13.87 4.20 16.87
C ALA A 540 12.77 3.67 15.96
N LEU A 541 11.95 2.77 16.46
CA LEU A 541 10.85 2.25 15.64
C LEU A 541 9.82 3.34 15.35
N ILE A 542 9.53 4.20 16.33
CA ILE A 542 8.62 5.31 16.08
C ILE A 542 9.15 6.21 14.99
N ASN A 543 10.43 6.58 15.10
CA ASN A 543 11.03 7.48 14.13
C ASN A 543 11.05 6.85 12.74
N PHE A 544 11.41 5.57 12.66
CA PHE A 544 11.42 4.89 11.38
C PHE A 544 10.02 4.74 10.81
N SER A 545 9.02 4.56 11.67
CA SER A 545 7.65 4.50 11.18
C SER A 545 7.26 5.82 10.52
N CYS A 546 7.56 6.94 11.18
CA CYS A 546 7.27 8.23 10.57
C CYS A 546 8.01 8.40 9.25
N PHE A 547 9.30 8.07 9.24
CA PHE A 547 10.10 8.25 8.02
C PHE A 547 9.59 7.38 6.89
N HIS A 548 9.27 6.12 7.18
CA HIS A 548 8.78 5.21 6.15
C HIS A 548 7.45 5.67 5.60
N ALA A 549 6.53 6.09 6.47
CA ALA A 549 5.26 6.58 5.99
C ALA A 549 5.46 7.80 5.09
N SER A 550 6.34 8.71 5.49
CA SER A 550 6.58 9.91 4.69
C SER A 550 7.19 9.56 3.34
N ILE A 551 8.17 8.64 3.33
CA ILE A 551 8.88 8.33 2.10
C ILE A 551 7.97 7.57 1.13
N THR A 552 7.15 6.66 1.65
CA THR A 552 6.23 5.92 0.78
C THR A 552 5.24 6.86 0.12
N ASN A 553 4.73 7.84 0.88
CA ASN A 553 3.85 8.87 0.34
C ASN A 553 2.61 8.26 -0.32
N SER A 554 1.98 7.33 0.39
CA SER A 554 0.72 6.81 -0.10
C SER A 554 -0.34 7.90 -0.03
N PRO A 555 -1.32 7.88 -0.93
CA PRO A 555 -2.36 8.91 -0.90
C PRO A 555 -3.15 8.92 0.41
N GLY A 556 -3.13 7.83 1.17
CA GLY A 556 -3.76 7.80 2.46
C GLY A 556 -2.93 8.36 3.59
N TRP A 557 -1.68 8.74 3.33
CA TRP A 557 -0.80 9.34 4.34
C TRP A 557 -1.00 10.84 4.29
N ARG A 558 -1.97 11.33 5.07
CA ARG A 558 -2.30 12.74 5.13
C ARG A 558 -2.35 13.17 6.59
N PRO A 559 -1.20 13.40 7.21
CA PRO A 559 -1.18 13.85 8.60
C PRO A 559 -1.49 15.34 8.69
N SER A 560 -2.30 15.71 9.68
CA SER A 560 -2.65 17.12 9.84
C SER A 560 -1.54 17.89 10.52
N PHE A 561 -0.59 17.19 11.14
CA PHE A 561 0.58 17.84 11.75
C PHE A 561 1.69 17.85 10.72
N GLN A 562 2.02 19.03 10.21
CA GLN A 562 2.93 19.17 9.08
C GLN A 562 4.22 19.87 9.49
N TYR A 563 4.67 19.63 10.72
CA TYR A 563 5.89 20.24 11.23
C TYR A 563 6.94 19.18 11.52
N TYR A 564 7.06 18.21 10.62
CA TYR A 564 8.03 17.13 10.74
C TYR A 564 8.81 17.05 9.43
N ASN A 565 9.88 16.25 9.45
CA ASN A 565 10.68 16.04 8.26
C ASN A 565 11.13 14.58 8.23
N LYS A 566 10.90 13.91 7.11
CA LYS A 566 11.25 12.50 7.02
C LYS A 566 12.74 12.29 7.23
N TRP A 567 13.56 13.20 6.73
CA TRP A 567 15.00 13.10 6.94
C TRP A 567 15.35 13.27 8.41
N ALA A 568 14.67 14.18 9.11
CA ALA A 568 14.87 14.32 10.54
C ALA A 568 14.47 13.05 11.26
N ALA A 569 13.38 12.41 10.83
CA ALA A 569 12.95 11.16 11.46
C ALA A 569 13.98 10.06 11.24
N LEU A 570 14.53 9.97 10.03
CA LEU A 570 15.56 8.98 9.77
C LEU A 570 16.79 9.23 10.65
N PHE A 571 17.20 10.49 10.77
CA PHE A 571 18.32 10.80 11.64
C PHE A 571 18.00 10.42 13.08
N GLY A 572 16.78 10.68 13.53
CA GLY A 572 16.40 10.31 14.88
C GLY A 572 16.49 8.82 15.11
N ALA A 573 15.99 8.03 14.17
CA ALA A 573 16.07 6.57 14.32
C ALA A 573 17.52 6.09 14.35
N ILE A 574 18.33 6.58 13.42
CA ILE A 574 19.71 6.15 13.36
C ILE A 574 20.46 6.54 14.62
N ILE A 575 20.25 7.76 15.09
CA ILE A 575 20.93 8.22 16.31
C ILE A 575 20.44 7.45 17.52
N SER A 576 19.16 7.08 17.55
CA SER A 576 18.67 6.26 18.64
C SER A 576 19.39 4.92 18.70
N VAL A 577 19.55 4.27 17.54
CA VAL A 577 20.28 3.01 17.52
C VAL A 577 21.73 3.21 17.93
N VAL A 578 22.36 4.29 17.43
CA VAL A 578 23.75 4.55 17.77
C VAL A 578 23.92 4.76 19.27
N ILE A 579 23.02 5.52 19.88
CA ILE A 579 23.10 5.75 21.32
C ILE A 579 22.87 4.45 22.07
N MET A 580 21.90 3.65 21.63
CA MET A 580 21.64 2.37 22.26
C MET A 580 22.92 1.53 22.30
N PHE A 581 23.66 1.52 21.19
CA PHE A 581 24.92 0.76 21.17
C PHE A 581 26.02 1.45 21.94
N LEU A 582 26.00 2.78 22.03
CA LEU A 582 27.05 3.51 22.74
C LEU A 582 26.92 3.39 24.25
N LEU A 583 25.72 3.16 24.78
CA LEU A 583 25.53 3.13 26.22
C LEU A 583 25.92 1.77 26.81
N THR A 584 25.22 0.71 26.41
CA THR A 584 25.35 -0.60 27.03
C THR A 584 25.42 -1.69 25.95
N TRP A 585 26.36 -1.53 25.02
CA TRP A 585 26.37 -2.26 23.75
C TRP A 585 25.86 -3.69 23.85
N TRP A 586 26.22 -4.42 24.91
CA TRP A 586 25.70 -5.78 25.04
C TRP A 586 24.19 -5.76 25.27
N ALA A 587 23.70 -4.81 26.06
CA ALA A 587 22.25 -4.66 26.22
C ALA A 587 21.59 -4.29 24.90
N ALA A 588 22.26 -3.45 24.12
CA ALA A 588 21.74 -3.11 22.80
C ALA A 588 21.62 -4.35 21.93
N LEU A 589 22.64 -5.21 21.95
CA LEU A 589 22.58 -6.45 21.19
C LEU A 589 21.43 -7.32 21.66
N ILE A 590 21.25 -7.42 22.98
CA ILE A 590 20.15 -8.23 23.51
C ILE A 590 18.81 -7.71 23.01
N ALA A 591 18.61 -6.39 23.11
CA ALA A 591 17.35 -5.80 22.69
C ALA A 591 17.10 -6.00 21.20
N ILE A 592 18.13 -5.78 20.38
CA ILE A 592 17.97 -5.95 18.95
C ILE A 592 17.67 -7.40 18.61
N GLY A 593 18.34 -8.34 19.28
CA GLY A 593 18.07 -9.74 19.03
C GLY A 593 16.65 -10.12 19.39
N VAL A 594 16.16 -9.61 20.52
CA VAL A 594 14.78 -9.90 20.91
C VAL A 594 13.81 -9.33 19.88
N VAL A 595 14.06 -8.10 19.42
CA VAL A 595 13.19 -7.49 18.42
C VAL A 595 13.18 -8.34 17.15
N LEU A 596 14.36 -8.78 16.71
CA LEU A 596 14.45 -9.57 15.50
C LEU A 596 13.73 -10.91 15.66
N PHE A 597 13.90 -11.56 16.81
CA PHE A 597 13.23 -12.84 17.03
C PHE A 597 11.73 -12.68 17.01
N LEU A 598 11.21 -11.65 17.68
CA LEU A 598 9.77 -11.44 17.69
C LEU A 598 9.25 -11.10 16.30
N LEU A 599 10.00 -10.30 15.55
CA LEU A 599 9.59 -9.97 14.19
C LEU A 599 9.55 -11.22 13.31
N LEU A 600 10.56 -12.08 13.43
CA LEU A 600 10.58 -13.32 12.66
C LEU A 600 9.41 -14.21 13.03
N TYR A 601 9.11 -14.32 14.32
CA TYR A 601 7.96 -15.12 14.72
C TYR A 601 6.68 -14.58 14.12
N VAL A 602 6.48 -13.25 14.18
CA VAL A 602 5.26 -12.67 13.65
C VAL A 602 5.16 -12.89 12.15
N ILE A 603 6.26 -12.69 11.43
CA ILE A 603 6.23 -12.87 9.99
C ILE A 603 5.92 -14.31 9.63
N TYR A 604 6.53 -15.26 10.33
CA TYR A 604 6.26 -16.67 10.05
C TYR A 604 4.81 -17.02 10.37
N LYS A 605 4.27 -16.47 11.46
CA LYS A 605 2.90 -16.79 11.87
C LYS A 605 1.87 -16.29 10.87
N LYS A 606 2.21 -15.31 10.04
CA LYS A 606 1.29 -14.78 9.04
C LYS A 606 -0.02 -14.36 9.68
N PRO A 607 -0.04 -13.26 10.44
CA PRO A 607 -1.27 -12.81 11.08
C PRO A 607 -2.34 -12.45 10.07
N GLU A 608 -3.60 -12.57 10.49
CA GLU A 608 -4.75 -12.35 9.63
C GLU A 608 -5.33 -10.96 9.78
N VAL A 609 -4.49 -9.96 10.01
CA VAL A 609 -4.90 -8.58 10.20
C VAL A 609 -4.49 -7.77 8.98
N ASN A 610 -5.39 -6.90 8.53
CA ASN A 610 -5.14 -6.02 7.38
C ASN A 610 -5.54 -4.61 7.80
N TRP A 611 -4.56 -3.84 8.27
CA TRP A 611 -4.83 -2.48 8.72
C TRP A 611 -4.47 -1.42 7.68
N GLY A 612 -3.55 -1.72 6.78
CA GLY A 612 -3.13 -0.73 5.81
C GLY A 612 -1.90 -0.01 6.32
N SER A 613 -0.72 -0.42 5.86
CA SER A 613 0.53 0.02 6.45
C SER A 613 1.42 0.59 5.37
N SER A 614 2.47 1.28 5.82
CA SER A 614 3.46 1.78 4.89
C SER A 614 4.17 0.64 4.15
N VAL A 615 4.15 -0.57 4.71
CA VAL A 615 4.82 -1.69 4.04
C VAL A 615 4.06 -2.11 2.79
N GLN A 616 2.73 -2.21 2.87
CA GLN A 616 1.94 -2.56 1.70
C GLN A 616 2.01 -1.47 0.63
N ALA A 617 1.89 -0.22 1.04
CA ALA A 617 2.04 0.88 0.10
C ALA A 617 3.43 0.86 -0.52
N GLY A 618 4.45 0.52 0.27
CA GLY A 618 5.79 0.44 -0.27
C GLY A 618 5.95 -0.69 -1.27
N SER A 619 5.27 -1.81 -1.03
CA SER A 619 5.30 -2.89 -2.01
C SER A 619 4.68 -2.45 -3.32
N TYR A 620 3.54 -1.77 -3.26
CA TYR A 620 2.96 -1.23 -4.50
C TYR A 620 3.91 -0.24 -5.16
N ASN A 621 4.54 0.62 -4.36
CA ASN A 621 5.47 1.61 -4.90
C ASN A 621 6.60 0.93 -5.64
N LEU A 622 7.17 -0.12 -5.04
CA LEU A 622 8.27 -0.84 -5.67
C LEU A 622 7.83 -1.49 -6.96
N ALA A 623 6.67 -2.14 -6.96
CA ALA A 623 6.18 -2.78 -8.17
C ALA A 623 6.01 -1.76 -9.29
N LEU A 624 5.35 -0.65 -8.99
CA LEU A 624 5.12 0.38 -10.01
C LEU A 624 6.44 0.96 -10.51
N SER A 625 7.36 1.26 -9.58
CA SER A 625 8.62 1.88 -9.97
C SER A 625 9.42 0.97 -10.87
N TYR A 626 9.49 -0.32 -10.54
CA TYR A 626 10.31 -1.21 -11.36
C TYR A 626 9.63 -1.55 -12.68
N SER A 627 8.29 -1.62 -12.72
CA SER A 627 7.62 -1.78 -14.00
C SER A 627 7.89 -0.59 -14.91
N VAL A 628 7.81 0.63 -14.37
CA VAL A 628 8.09 1.82 -15.17
C VAL A 628 9.54 1.82 -15.62
N GLY A 629 10.46 1.46 -14.73
CA GLY A 629 11.86 1.38 -15.11
C GLY A 629 12.10 0.41 -16.26
N LEU A 630 11.44 -0.75 -16.19
CA LEU A 630 11.52 -1.69 -17.31
C LEU A 630 10.99 -1.06 -18.58
N ASN A 631 9.86 -0.35 -18.48
CA ASN A 631 9.30 0.29 -19.67
C ASN A 631 10.27 1.29 -20.28
N GLU A 632 11.01 2.00 -19.44
CA GLU A 632 11.94 3.02 -19.94
C GLU A 632 13.05 2.38 -20.78
N VAL A 633 13.54 1.22 -20.35
CA VAL A 633 14.60 0.56 -21.11
C VAL A 633 14.15 0.32 -22.54
N GLU A 634 15.04 0.61 -23.49
CA GLU A 634 14.71 0.47 -24.89
C GLU A 634 14.52 -0.99 -25.27
N ASP A 635 13.64 -1.22 -26.24
CA ASP A 635 13.37 -2.57 -26.72
C ASP A 635 14.60 -3.17 -27.39
N HIS A 636 14.90 -4.41 -27.06
CA HIS A 636 15.97 -5.13 -27.73
C HIS A 636 15.73 -6.63 -27.57
N ILE A 637 16.34 -7.40 -28.46
CA ILE A 637 16.10 -8.85 -28.49
C ILE A 637 16.92 -9.61 -27.47
N LYS A 638 17.86 -8.96 -26.80
CA LYS A 638 18.81 -9.66 -25.93
C LYS A 638 18.19 -10.13 -24.62
N ASN A 639 16.87 -10.05 -24.46
CA ASN A 639 16.24 -10.44 -23.20
C ASN A 639 14.95 -11.21 -23.47
N TYR A 640 14.99 -12.18 -24.39
CA TYR A 640 13.83 -13.01 -24.62
C TYR A 640 13.50 -13.83 -23.38
N ARG A 641 12.22 -13.90 -23.04
CA ARG A 641 11.73 -14.76 -21.98
C ARG A 641 10.43 -15.40 -22.42
N PRO A 642 10.16 -16.62 -21.99
CA PRO A 642 8.86 -17.24 -22.28
C PRO A 642 7.78 -16.71 -21.34
N GLN A 643 6.94 -15.83 -21.86
CA GLN A 643 5.86 -15.22 -21.09
C GLN A 643 4.57 -15.90 -21.51
N CYS A 644 4.00 -16.70 -20.61
CA CYS A 644 2.93 -17.62 -20.95
C CYS A 644 1.58 -17.09 -20.51
N LEU A 645 0.60 -17.18 -21.40
CA LEU A 645 -0.80 -16.93 -21.08
C LEU A 645 -1.48 -18.29 -21.03
N VAL A 646 -1.63 -18.84 -19.84
CA VAL A 646 -2.21 -20.16 -19.65
C VAL A 646 -3.72 -20.02 -19.57
N LEU A 647 -4.43 -20.69 -20.48
CA LEU A 647 -5.89 -20.72 -20.45
C LEU A 647 -6.32 -21.87 -19.55
N THR A 648 -6.60 -21.55 -18.29
CA THR A 648 -6.95 -22.55 -17.30
C THR A 648 -8.39 -22.46 -16.83
N GLY A 649 -9.14 -21.46 -17.25
CA GLY A 649 -10.42 -21.19 -16.66
C GLY A 649 -10.25 -20.97 -15.17
N PRO A 650 -11.12 -21.57 -14.36
CA PRO A 650 -10.90 -21.55 -12.92
C PRO A 650 -9.65 -22.33 -12.58
N PRO A 651 -8.66 -21.69 -11.96
CA PRO A 651 -7.36 -22.35 -11.80
C PRO A 651 -7.45 -23.68 -11.08
N ASN A 652 -8.33 -23.81 -10.08
CA ASN A 652 -8.47 -25.08 -9.39
C ASN A 652 -9.13 -26.16 -10.23
N PHE A 653 -9.74 -25.80 -11.36
CA PHE A 653 -10.37 -26.80 -12.21
C PHE A 653 -9.32 -27.64 -12.93
N ARG A 654 -8.25 -27.00 -13.42
CA ARG A 654 -7.19 -27.66 -14.16
C ARG A 654 -5.86 -27.31 -13.51
N PRO A 655 -5.51 -27.99 -12.41
CA PRO A 655 -4.25 -27.66 -11.72
C PRO A 655 -3.02 -28.22 -12.40
N ALA A 656 -3.16 -29.24 -13.24
CA ALA A 656 -2.00 -29.77 -13.94
C ALA A 656 -1.40 -28.72 -14.86
N LEU A 657 -2.25 -27.96 -15.56
CA LEU A 657 -1.76 -26.92 -16.46
C LEU A 657 -0.96 -25.86 -15.69
N VAL A 658 -1.53 -25.37 -14.59
CA VAL A 658 -0.86 -24.34 -13.82
C VAL A 658 0.44 -24.87 -13.23
N ASP A 659 0.43 -26.10 -12.73
CA ASP A 659 1.65 -26.69 -12.17
C ASP A 659 2.73 -26.81 -13.22
N PHE A 660 2.38 -27.31 -14.40
CA PHE A 660 3.37 -27.49 -15.45
C PHE A 660 3.95 -26.15 -15.88
N VAL A 661 3.10 -25.15 -16.10
CA VAL A 661 3.61 -23.86 -16.56
C VAL A 661 4.46 -23.20 -15.48
N GLY A 662 3.98 -23.23 -14.23
CA GLY A 662 4.76 -22.66 -13.14
C GLY A 662 6.09 -23.34 -12.92
N THR A 663 6.19 -24.63 -13.27
CA THR A 663 7.47 -25.31 -13.11
C THR A 663 8.59 -24.58 -13.84
N PHE A 664 8.39 -24.31 -15.13
CA PHE A 664 9.42 -23.67 -15.94
C PHE A 664 9.29 -22.17 -16.03
N THR A 665 8.24 -21.57 -15.46
CA THR A 665 8.08 -20.14 -15.48
C THR A 665 8.50 -19.45 -14.19
N ARG A 666 8.43 -20.15 -13.06
CA ARG A 666 8.68 -19.52 -11.77
C ARG A 666 10.06 -18.88 -11.73
N ASN A 667 10.12 -17.64 -11.26
CA ASN A 667 11.34 -16.87 -11.10
C ASN A 667 12.03 -16.57 -12.42
N LEU A 668 11.38 -16.81 -13.54
CA LEU A 668 12.00 -16.57 -14.84
C LEU A 668 11.23 -15.62 -15.72
N SER A 669 9.91 -15.73 -15.79
CA SER A 669 9.14 -14.91 -16.71
C SER A 669 7.69 -14.84 -16.24
N LEU A 670 6.93 -14.00 -16.91
CA LEU A 670 5.54 -13.75 -16.54
C LEU A 670 4.67 -14.97 -16.82
N MET A 671 3.74 -15.24 -15.91
CA MET A 671 2.75 -16.29 -16.07
C MET A 671 1.38 -15.71 -15.74
N ILE A 672 0.43 -15.86 -16.66
CA ILE A 672 -0.91 -15.34 -16.48
C ILE A 672 -1.90 -16.48 -16.63
N CYS A 673 -2.77 -16.64 -15.65
CA CYS A 673 -3.81 -17.67 -15.67
C CYS A 673 -5.10 -17.02 -16.17
N GLY A 674 -5.42 -17.25 -17.44
CA GLY A 674 -6.58 -16.62 -18.06
C GLY A 674 -7.84 -17.42 -17.84
N HIS A 675 -8.91 -16.72 -17.45
CA HIS A 675 -10.21 -17.34 -17.22
C HIS A 675 -11.25 -16.51 -17.95
N VAL A 676 -12.06 -17.16 -18.77
CA VAL A 676 -13.08 -16.50 -19.57
C VAL A 676 -14.44 -16.91 -19.02
N LEU A 677 -15.26 -15.92 -18.69
CA LEU A 677 -16.62 -16.15 -18.23
C LEU A 677 -17.58 -15.84 -19.36
N ILE A 678 -18.39 -16.82 -19.76
CA ILE A 678 -19.34 -16.60 -20.85
C ILE A 678 -20.28 -15.45 -20.52
N GLY A 679 -21.05 -15.61 -19.44
CA GLY A 679 -21.73 -14.48 -18.85
C GLY A 679 -22.90 -13.98 -19.67
N PRO A 680 -24.01 -13.68 -19.00
CA PRO A 680 -25.11 -12.98 -19.67
C PRO A 680 -24.85 -11.47 -19.71
N HIS A 681 -24.73 -10.90 -20.91
CA HIS A 681 -24.40 -9.49 -21.06
C HIS A 681 -22.95 -9.25 -20.65
N LYS A 682 -22.66 -8.09 -20.08
CA LYS A 682 -21.29 -7.74 -19.69
C LYS A 682 -21.34 -6.82 -18.50
N GLN A 683 -20.89 -7.31 -17.34
CA GLN A 683 -20.84 -6.50 -16.13
C GLN A 683 -19.81 -7.12 -15.18
N ARG A 684 -19.40 -6.33 -14.19
CA ARG A 684 -18.44 -6.77 -13.18
C ARG A 684 -18.93 -6.27 -11.83
N MET A 685 -19.64 -7.10 -11.10
CA MET A 685 -20.19 -6.77 -9.80
C MET A 685 -19.21 -7.12 -8.70
N PRO A 686 -19.53 -6.78 -7.45
CA PRO A 686 -18.62 -7.13 -6.35
C PRO A 686 -18.41 -8.63 -6.20
N GLU A 687 -19.40 -9.45 -6.54
CA GLU A 687 -19.23 -10.89 -6.45
C GLU A 687 -18.11 -11.37 -7.35
N LEU A 688 -17.99 -10.79 -8.55
CA LEU A 688 -16.90 -11.16 -9.44
C LEU A 688 -15.55 -10.84 -8.82
N GLN A 689 -15.44 -9.67 -8.18
CA GLN A 689 -14.19 -9.31 -7.53
C GLN A 689 -13.88 -10.28 -6.38
N LEU A 690 -14.90 -10.65 -5.61
CA LEU A 690 -14.69 -11.61 -4.53
C LEU A 690 -14.20 -12.96 -5.06
N ILE A 691 -14.82 -13.44 -6.14
CA ILE A 691 -14.40 -14.71 -6.72
C ILE A 691 -12.97 -14.61 -7.26
N ALA A 692 -12.63 -13.48 -7.87
CA ALA A 692 -11.26 -13.29 -8.35
C ALA A 692 -10.27 -13.29 -7.20
N ASN A 693 -10.62 -12.64 -6.09
CA ASN A 693 -9.75 -12.65 -4.93
C ASN A 693 -9.58 -14.05 -4.38
N GLY A 694 -10.65 -14.83 -4.36
CA GLY A 694 -10.55 -16.21 -3.93
C GLY A 694 -9.63 -17.04 -4.81
N HIS A 695 -9.75 -16.84 -6.13
CA HIS A 695 -8.87 -17.55 -7.05
C HIS A 695 -7.42 -17.15 -6.84
N THR A 696 -7.16 -15.86 -6.66
CA THR A 696 -5.79 -15.41 -6.41
C THR A 696 -5.25 -15.99 -5.11
N LYS A 697 -6.08 -16.06 -4.07
CA LYS A 697 -5.66 -16.66 -2.81
C LYS A 697 -5.34 -18.15 -2.99
N TRP A 698 -6.17 -18.87 -3.73
CA TRP A 698 -5.88 -20.26 -4.02
C TRP A 698 -4.56 -20.41 -4.75
N LEU A 699 -4.31 -19.54 -5.73
CA LEU A 699 -3.07 -19.60 -6.49
C LEU A 699 -1.88 -19.33 -5.59
N ASN A 700 -2.00 -18.35 -4.68
CA ASN A 700 -0.91 -18.01 -3.79
C ASN A 700 -0.71 -19.03 -2.67
N LYS A 701 -1.71 -19.85 -2.38
CA LYS A 701 -1.57 -20.90 -1.38
C LYS A 701 -0.89 -22.14 -1.94
N ARG A 702 -0.75 -22.26 -3.27
CA ARG A 702 -0.02 -23.34 -3.90
C ARG A 702 1.41 -22.94 -4.22
N LYS A 703 1.86 -21.79 -3.72
CA LYS A 703 3.21 -21.31 -3.95
C LYS A 703 3.51 -21.19 -5.44
N ILE A 704 2.52 -20.69 -6.18
CA ILE A 704 2.63 -20.49 -7.61
C ILE A 704 2.67 -18.99 -7.89
N LYS A 705 3.67 -18.56 -8.66
CA LYS A 705 3.87 -17.15 -8.96
C LYS A 705 3.21 -16.87 -10.32
N ALA A 706 1.95 -16.47 -10.27
CA ALA A 706 1.21 -16.16 -11.49
C ALA A 706 0.12 -15.16 -11.17
N PHE A 707 -0.34 -14.47 -12.22
CA PHE A 707 -1.44 -13.53 -12.11
C PHE A 707 -2.71 -14.17 -12.67
N TYR A 708 -3.81 -14.04 -11.94
CA TYR A 708 -5.10 -14.53 -12.40
C TYR A 708 -5.85 -13.40 -13.07
N SER A 709 -6.31 -13.63 -14.30
CA SER A 709 -7.06 -12.63 -15.04
C SER A 709 -8.33 -13.28 -15.58
N ASP A 710 -9.46 -12.61 -15.38
CA ASP A 710 -10.75 -13.10 -15.84
C ASP A 710 -11.42 -12.04 -16.69
N VAL A 711 -12.04 -12.46 -17.78
CA VAL A 711 -12.75 -11.57 -18.69
C VAL A 711 -14.10 -12.16 -19.01
N ILE A 712 -15.00 -11.30 -19.49
CA ILE A 712 -16.35 -11.67 -19.86
C ILE A 712 -16.48 -11.58 -21.38
N ALA A 713 -16.95 -12.66 -21.99
CA ALA A 713 -17.13 -12.69 -23.44
C ALA A 713 -18.24 -13.67 -23.78
N GLU A 714 -18.80 -13.50 -24.98
CA GLU A 714 -19.88 -14.37 -25.42
C GLU A 714 -19.42 -15.82 -25.53
N ASP A 715 -18.22 -16.03 -26.08
CA ASP A 715 -17.67 -17.37 -26.24
C ASP A 715 -16.22 -17.37 -25.81
N LEU A 716 -15.64 -18.57 -25.74
CA LEU A 716 -14.26 -18.69 -25.29
C LEU A 716 -13.30 -18.00 -26.24
N ARG A 717 -13.55 -18.09 -27.55
CA ARG A 717 -12.65 -17.51 -28.53
C ARG A 717 -12.53 -16.00 -28.33
N ARG A 718 -13.66 -15.32 -28.13
CA ARG A 718 -13.61 -13.87 -27.95
C ARG A 718 -12.86 -13.50 -26.67
N GLY A 719 -13.07 -14.25 -25.60
CA GLY A 719 -12.33 -13.98 -24.38
C GLY A 719 -10.83 -14.15 -24.56
N VAL A 720 -10.44 -15.19 -25.29
CA VAL A 720 -9.01 -15.39 -25.56
C VAL A 720 -8.46 -14.26 -26.41
N GLN A 721 -9.25 -13.78 -27.38
CA GLN A 721 -8.82 -12.62 -28.15
C GLN A 721 -8.58 -11.42 -27.25
N ILE A 722 -9.52 -11.16 -26.34
CA ILE A 722 -9.38 -10.02 -25.43
C ILE A 722 -8.11 -10.16 -24.61
N LEU A 723 -7.89 -11.36 -24.05
CA LEU A 723 -6.73 -11.59 -23.21
C LEU A 723 -5.43 -11.40 -23.99
N MET A 724 -5.36 -11.95 -25.20
CA MET A 724 -4.15 -11.82 -26.00
C MET A 724 -3.93 -10.39 -26.45
N GLN A 725 -5.00 -9.61 -26.59
CA GLN A 725 -4.85 -8.23 -27.02
C GLN A 725 -4.37 -7.33 -25.90
N ALA A 726 -5.02 -7.38 -24.74
CA ALA A 726 -4.80 -6.37 -23.71
C ALA A 726 -4.01 -6.84 -22.51
N ALA A 727 -3.92 -8.13 -22.25
CA ALA A 727 -3.25 -8.60 -21.05
C ALA A 727 -1.79 -8.17 -21.05
N GLY A 728 -1.28 -7.82 -19.88
CA GLY A 728 0.10 -7.43 -19.73
C GLY A 728 0.24 -5.97 -19.36
N LEU A 729 1.49 -5.54 -19.22
CA LEU A 729 1.79 -4.17 -18.82
C LEU A 729 3.11 -3.76 -19.46
N GLY A 730 3.03 -2.90 -20.47
CA GLY A 730 4.24 -2.45 -21.13
C GLY A 730 4.96 -3.60 -21.80
N ARG A 731 6.17 -3.89 -21.32
CA ARG A 731 6.98 -4.94 -21.93
C ARG A 731 6.68 -6.32 -21.35
N MET A 732 6.13 -6.37 -20.14
CA MET A 732 5.79 -7.64 -19.51
C MET A 732 4.41 -8.08 -19.99
N LYS A 733 4.36 -8.54 -21.23
CA LYS A 733 3.15 -9.09 -21.80
C LYS A 733 3.43 -10.47 -22.37
N PRO A 734 2.44 -11.34 -22.36
CA PRO A 734 2.68 -12.72 -22.79
C PRO A 734 3.00 -12.83 -24.27
N ASN A 735 3.78 -13.85 -24.61
CA ASN A 735 4.07 -14.18 -25.99
C ASN A 735 3.93 -15.66 -26.30
N ILE A 736 3.46 -16.47 -25.34
CA ILE A 736 3.17 -17.87 -25.55
C ILE A 736 1.76 -18.14 -25.06
N LEU A 737 1.01 -18.93 -25.82
CA LEU A 737 -0.33 -19.36 -25.43
C LEU A 737 -0.25 -20.84 -25.06
N VAL A 738 -0.61 -21.15 -23.82
CA VAL A 738 -0.63 -22.52 -23.32
C VAL A 738 -2.08 -22.91 -23.09
N VAL A 739 -2.56 -23.87 -23.86
CA VAL A 739 -3.95 -24.31 -23.79
C VAL A 739 -3.97 -25.83 -23.71
N GLY A 740 -5.00 -26.34 -23.05
CA GLY A 740 -5.15 -27.78 -22.93
C GLY A 740 -5.79 -28.40 -24.15
N PHE A 741 -5.60 -29.71 -24.29
CA PHE A 741 -6.21 -30.46 -25.35
C PHE A 741 -7.66 -30.77 -25.00
N LYS A 742 -8.57 -30.57 -25.95
CA LYS A 742 -9.98 -30.88 -25.72
C LYS A 742 -10.24 -32.29 -26.23
N LYS A 743 -10.16 -33.26 -25.32
CA LYS A 743 -10.29 -34.65 -25.70
C LYS A 743 -11.72 -35.05 -26.04
N ASN A 744 -12.70 -34.18 -25.79
CA ASN A 744 -14.10 -34.47 -26.06
C ASN A 744 -14.54 -33.93 -27.42
N TRP A 745 -13.60 -33.56 -28.29
CA TRP A 745 -13.94 -32.95 -29.57
C TRP A 745 -14.74 -33.89 -30.46
N GLN A 746 -14.56 -35.20 -30.33
CA GLN A 746 -15.33 -36.14 -31.14
C GLN A 746 -16.81 -36.08 -30.78
N SER A 747 -17.13 -36.01 -29.49
CA SER A 747 -18.50 -35.99 -29.01
C SER A 747 -18.78 -34.58 -28.46
N ALA A 748 -19.12 -33.67 -29.36
CA ALA A 748 -19.41 -32.30 -28.99
C ALA A 748 -19.84 -31.57 -30.25
N HIS A 749 -20.50 -30.43 -30.06
CA HIS A 749 -20.95 -29.66 -31.21
C HIS A 749 -19.74 -29.24 -32.05
N PRO A 750 -19.75 -29.49 -33.35
CA PRO A 750 -18.57 -29.15 -34.17
C PRO A 750 -18.19 -27.69 -34.09
N ALA A 751 -19.15 -26.80 -33.80
CA ALA A 751 -18.80 -25.39 -33.65
C ALA A 751 -17.78 -25.19 -32.53
N THR A 752 -17.83 -26.04 -31.51
CA THR A 752 -16.86 -25.92 -30.41
C THR A 752 -15.45 -26.21 -30.90
N VAL A 753 -15.27 -27.27 -31.68
CA VAL A 753 -13.95 -27.57 -32.22
C VAL A 753 -13.53 -26.49 -33.21
N GLU A 754 -14.49 -25.95 -33.97
CA GLU A 754 -14.19 -24.83 -34.84
C GLU A 754 -13.61 -23.67 -34.06
N ASP A 755 -14.24 -23.34 -32.92
CA ASP A 755 -13.75 -22.24 -32.10
C ASP A 755 -12.41 -22.55 -31.45
N TYR A 756 -12.18 -23.81 -31.07
CA TYR A 756 -10.88 -24.18 -30.51
C TYR A 756 -9.76 -23.99 -31.54
N ILE A 757 -9.96 -24.53 -32.74
CA ILE A 757 -8.96 -24.34 -33.79
C ILE A 757 -8.84 -22.87 -34.14
N GLY A 758 -9.93 -22.11 -34.04
CA GLY A 758 -9.86 -20.68 -34.26
C GLY A 758 -9.02 -19.98 -33.22
N ILE A 759 -9.10 -20.43 -31.97
CA ILE A 759 -8.23 -19.90 -30.93
C ILE A 759 -6.78 -20.15 -31.28
N LEU A 760 -6.49 -21.37 -31.73
CA LEU A 760 -5.11 -21.68 -32.13
C LEU A 760 -4.66 -20.76 -33.26
N HIS A 761 -5.50 -20.59 -34.28
CA HIS A 761 -5.13 -19.75 -35.42
C HIS A 761 -4.97 -18.30 -35.00
N ASP A 762 -5.82 -17.82 -34.09
CA ASP A 762 -5.69 -16.45 -33.61
C ASP A 762 -4.39 -16.26 -32.86
N ALA A 763 -4.01 -17.23 -32.04
CA ALA A 763 -2.72 -17.15 -31.35
C ALA A 763 -1.59 -17.10 -32.37
N PHE A 764 -1.66 -17.92 -33.42
CA PHE A 764 -0.63 -17.87 -34.45
C PHE A 764 -0.59 -16.51 -35.13
N ASP A 765 -1.77 -15.95 -35.42
CA ASP A 765 -1.86 -14.66 -36.11
C ASP A 765 -1.39 -13.51 -35.24
N PHE A 766 -1.45 -13.65 -33.92
CA PHE A 766 -0.99 -12.62 -33.01
C PHE A 766 0.49 -12.71 -32.72
N ASN A 767 1.23 -13.53 -33.47
CA ASN A 767 2.66 -13.74 -33.23
C ASN A 767 2.91 -14.36 -31.87
N TYR A 768 2.05 -15.31 -31.49
CA TYR A 768 2.17 -16.03 -30.24
C TYR A 768 2.79 -17.40 -30.48
N GLY A 769 3.44 -17.92 -29.44
CA GLY A 769 3.86 -19.30 -29.45
C GLY A 769 2.78 -20.16 -28.81
N VAL A 770 2.44 -21.26 -29.48
CA VAL A 770 1.35 -22.13 -29.07
C VAL A 770 1.94 -23.34 -28.37
N CYS A 771 1.22 -23.83 -27.36
CA CYS A 771 1.67 -24.97 -26.57
C CYS A 771 0.43 -25.71 -26.07
N VAL A 772 0.15 -26.87 -26.65
CA VAL A 772 -1.03 -27.66 -26.32
C VAL A 772 -0.60 -28.80 -25.41
N MET A 773 -1.29 -28.93 -24.27
CA MET A 773 -1.00 -29.96 -23.29
C MET A 773 -2.09 -31.01 -23.31
N ARG A 774 -1.69 -32.29 -23.35
CA ARG A 774 -2.63 -33.37 -23.44
C ARG A 774 -2.28 -34.45 -22.43
N MET A 775 -3.29 -34.91 -21.69
CA MET A 775 -3.13 -36.01 -20.75
C MET A 775 -4.28 -36.99 -20.93
N ARG A 776 -4.01 -38.27 -20.68
CA ARG A 776 -5.01 -39.30 -20.92
C ARG A 776 -6.24 -39.15 -20.05
N GLU A 777 -6.11 -38.49 -18.90
CA GLU A 777 -7.24 -38.30 -17.99
C GLU A 777 -7.93 -36.96 -18.16
N GLY A 778 -7.39 -36.07 -18.99
CA GLY A 778 -7.92 -34.73 -19.13
C GLY A 778 -7.40 -33.79 -18.06
N LEU A 779 -7.60 -32.50 -18.29
CA LEU A 779 -7.14 -31.49 -17.36
C LEU A 779 -8.19 -31.14 -16.30
N ASN A 780 -9.46 -31.24 -16.65
CA ASN A 780 -10.52 -30.83 -15.74
C ASN A 780 -10.71 -31.89 -14.66
N VAL A 781 -10.47 -31.51 -13.41
CA VAL A 781 -10.62 -32.41 -12.28
C VAL A 781 -11.90 -32.12 -11.50
N SER A 782 -12.89 -31.50 -12.14
CA SER A 782 -14.15 -31.21 -11.49
C SER A 782 -15.26 -32.14 -12.02
N GLU A 815 -6.16 -30.47 1.22
CA GLU A 815 -6.83 -29.36 0.55
C GLU A 815 -6.52 -29.34 -0.94
N GLN A 816 -5.39 -28.73 -1.30
CA GLN A 816 -5.03 -28.60 -2.70
C GLN A 816 -4.94 -29.98 -3.35
N ALA A 817 -5.50 -30.10 -4.55
CA ALA A 817 -5.39 -31.34 -5.30
C ALA A 817 -3.95 -31.56 -5.74
N THR A 818 -3.54 -32.82 -5.76
CA THR A 818 -2.19 -33.16 -6.19
C THR A 818 -2.13 -33.29 -7.70
N THR A 819 -0.91 -33.29 -8.23
CA THR A 819 -0.69 -33.35 -9.66
C THR A 819 0.66 -33.99 -9.91
N ILE A 820 0.76 -34.76 -11.00
CA ILE A 820 2.00 -35.46 -11.31
C ILE A 820 3.17 -34.51 -11.45
N PHE A 821 2.91 -33.25 -11.79
CA PHE A 821 3.97 -32.26 -11.92
C PHE A 821 4.49 -31.76 -10.58
N GLN A 822 3.86 -32.14 -9.48
CA GLN A 822 4.32 -31.78 -8.14
C GLN A 822 5.25 -32.82 -7.54
N SER A 823 5.53 -33.90 -8.26
CA SER A 823 6.30 -35.02 -7.73
C SER A 823 7.58 -35.19 -8.51
N GLU A 824 8.49 -35.97 -7.93
CA GLU A 824 9.74 -36.30 -8.60
C GLU A 824 9.46 -37.16 -9.83
N GLN A 825 10.31 -37.01 -10.85
CA GLN A 825 10.16 -37.76 -12.09
C GLN A 825 11.10 -38.95 -12.18
N GLY A 826 12.08 -39.06 -11.29
CA GLY A 826 12.95 -40.22 -11.30
C GLY A 826 13.87 -40.25 -12.51
N LYS A 827 14.16 -41.46 -12.99
CA LYS A 827 15.08 -41.67 -14.10
C LYS A 827 14.37 -41.66 -15.45
N LYS A 828 13.07 -41.41 -15.48
CA LYS A 828 12.36 -41.35 -16.74
C LYS A 828 12.98 -40.29 -17.63
N THR A 829 12.81 -40.45 -18.94
CA THR A 829 13.45 -39.60 -19.93
C THR A 829 12.44 -38.65 -20.56
N ILE A 830 12.90 -37.45 -20.89
CA ILE A 830 12.11 -36.48 -21.63
C ILE A 830 12.45 -36.62 -23.10
N ASP A 831 11.46 -36.92 -23.93
CA ASP A 831 11.66 -37.15 -25.35
C ASP A 831 11.13 -35.96 -26.14
N ILE A 832 11.98 -35.39 -26.98
CA ILE A 832 11.62 -34.26 -27.84
C ILE A 832 11.69 -34.74 -29.29
N TYR A 833 10.63 -34.50 -30.04
CA TYR A 833 10.55 -34.86 -31.45
C TYR A 833 10.59 -33.55 -32.24
N TRP A 834 11.80 -33.12 -32.58
CA TRP A 834 12.03 -31.83 -33.23
C TRP A 834 11.88 -32.04 -34.73
N LEU A 835 10.72 -31.65 -35.27
CA LEU A 835 10.43 -31.83 -36.69
C LEU A 835 10.41 -30.53 -37.47
N PHE A 836 10.50 -29.38 -36.81
CA PHE A 836 10.46 -28.11 -37.51
C PHE A 836 11.27 -27.09 -36.71
N ASP A 837 11.96 -26.21 -37.42
CA ASP A 837 12.78 -25.19 -36.77
C ASP A 837 11.91 -23.95 -36.53
N ASP A 838 11.31 -23.88 -35.34
CA ASP A 838 10.40 -22.80 -34.98
C ASP A 838 11.12 -21.65 -34.28
N GLY A 839 12.42 -21.75 -34.07
CA GLY A 839 13.18 -20.73 -33.38
C GLY A 839 13.74 -21.15 -32.04
N GLY A 840 13.32 -22.30 -31.50
CA GLY A 840 13.91 -22.81 -30.27
C GLY A 840 12.95 -23.10 -29.14
N LEU A 841 11.69 -22.66 -29.23
CA LEU A 841 10.77 -22.89 -28.13
C LEU A 841 10.59 -24.38 -27.84
N THR A 842 10.46 -25.19 -28.89
CA THR A 842 10.29 -26.63 -28.70
C THR A 842 11.41 -27.21 -27.86
N LEU A 843 12.62 -26.66 -27.96
CA LEU A 843 13.74 -27.10 -27.15
C LEU A 843 13.91 -26.27 -25.88
N LEU A 844 13.51 -25.00 -25.92
CA LEU A 844 13.65 -24.15 -24.74
C LEU A 844 12.80 -24.67 -23.60
N ILE A 845 11.55 -25.05 -23.88
CA ILE A 845 10.66 -25.50 -22.81
C ILE A 845 11.21 -26.74 -22.11
N PRO A 846 11.55 -27.83 -22.82
CA PRO A 846 12.12 -28.99 -22.12
C PRO A 846 13.42 -28.68 -21.41
N TYR A 847 14.27 -27.84 -21.99
CA TYR A 847 15.52 -27.49 -21.33
C TYR A 847 15.25 -26.81 -20.00
N LEU A 848 14.37 -25.80 -20.00
CA LEU A 848 14.03 -25.12 -18.77
C LEU A 848 13.40 -26.08 -17.77
N LEU A 849 12.55 -26.98 -18.25
CA LEU A 849 11.94 -27.98 -17.38
C LEU A 849 12.97 -28.87 -16.73
N GLY A 850 14.05 -29.20 -17.45
CA GLY A 850 15.07 -30.09 -16.96
C GLY A 850 16.07 -29.48 -16.00
N ARG A 851 15.94 -28.20 -15.69
CA ARG A 851 16.80 -27.56 -14.71
C ARG A 851 16.22 -27.59 -13.30
N LYS A 852 15.02 -28.14 -13.13
CA LYS A 852 14.37 -28.18 -11.84
C LYS A 852 14.76 -29.45 -11.09
N ARG A 853 14.64 -29.41 -9.77
CA ARG A 853 15.01 -30.53 -8.94
C ARG A 853 14.09 -31.73 -9.11
N ARG A 854 12.94 -31.56 -9.75
CA ARG A 854 12.05 -32.67 -10.02
C ARG A 854 12.31 -33.33 -11.37
N TRP A 855 12.98 -32.64 -12.29
CA TRP A 855 13.29 -33.17 -13.60
C TRP A 855 14.79 -33.31 -13.83
N SER A 856 15.60 -33.06 -12.81
CA SER A 856 17.05 -33.09 -13.00
C SER A 856 17.54 -34.48 -13.41
N LYS A 857 17.00 -35.52 -12.77
CA LYS A 857 17.44 -36.88 -13.07
C LYS A 857 16.93 -37.38 -14.41
N CYS A 858 16.02 -36.64 -15.06
CA CYS A 858 15.50 -37.07 -16.35
C CYS A 858 16.53 -36.85 -17.44
N LYS A 859 16.76 -37.88 -18.24
CA LYS A 859 17.68 -37.81 -19.36
C LYS A 859 16.92 -37.33 -20.59
N ILE A 860 17.42 -36.27 -21.23
CA ILE A 860 16.73 -35.63 -22.33
C ILE A 860 17.15 -36.30 -23.62
N ARG A 861 16.19 -36.84 -24.36
CA ARG A 861 16.44 -37.46 -25.65
C ARG A 861 15.79 -36.60 -26.73
N VAL A 862 16.58 -36.24 -27.75
CA VAL A 862 16.09 -35.41 -28.86
C VAL A 862 16.11 -36.29 -30.10
N PHE A 863 14.92 -36.57 -30.64
CA PHE A 863 14.79 -37.30 -31.90
C PHE A 863 14.77 -36.30 -33.03
N VAL A 864 15.97 -35.98 -33.52
CA VAL A 864 16.19 -34.81 -34.36
C VAL A 864 15.83 -35.20 -35.80
N GLY A 865 14.56 -35.02 -36.14
CA GLY A 865 14.19 -34.86 -37.53
C GLY A 865 14.25 -33.39 -37.85
N GLY A 866 15.39 -32.79 -37.51
CA GLY A 866 15.55 -31.35 -37.35
C GLY A 866 14.80 -30.46 -38.31
N GLN A 867 14.89 -30.75 -39.61
CA GLN A 867 14.27 -29.89 -40.62
C GLN A 867 13.73 -30.80 -41.72
N ILE A 868 12.44 -31.09 -41.66
CA ILE A 868 11.84 -31.97 -42.66
C ILE A 868 11.86 -31.26 -44.00
N ASN A 869 11.10 -30.19 -44.14
CA ASN A 869 11.15 -29.33 -45.33
C ASN A 869 12.01 -28.10 -45.07
N ARG A 870 13.24 -28.28 -44.61
CA ARG A 870 14.15 -27.16 -44.43
C ARG A 870 15.59 -27.50 -44.78
N MET A 871 15.82 -28.59 -45.52
CA MET A 871 17.17 -29.04 -45.88
C MET A 871 18.00 -29.30 -44.60
N ASP A 872 17.51 -30.23 -43.80
CA ASP A 872 18.19 -30.59 -42.57
C ASP A 872 19.52 -31.26 -42.85
N GLN A 873 20.48 -31.05 -41.96
CA GLN A 873 21.82 -31.63 -42.09
C GLN A 873 21.83 -33.02 -41.46
N GLU A 874 22.71 -33.88 -41.95
CA GLU A 874 22.75 -35.27 -41.48
C GLU A 874 23.07 -35.33 -39.99
N ARG A 875 24.28 -34.90 -39.61
CA ARG A 875 24.71 -35.04 -38.22
C ARG A 875 25.35 -33.78 -37.69
N LYS A 876 25.81 -32.90 -38.59
CA LYS A 876 26.55 -31.72 -38.16
C LYS A 876 25.62 -30.65 -37.57
N ALA A 877 24.59 -30.27 -38.33
CA ALA A 877 23.75 -29.16 -37.90
C ALA A 877 23.02 -29.47 -36.60
N ILE A 878 22.51 -30.69 -36.45
CA ILE A 878 21.76 -31.03 -35.24
C ILE A 878 22.66 -30.91 -34.01
N ILE A 879 23.86 -31.48 -34.08
CA ILE A 879 24.78 -31.43 -32.94
C ILE A 879 25.19 -29.99 -32.66
N SER A 880 25.46 -29.21 -33.72
CA SER A 880 25.87 -27.82 -33.52
C SER A 880 24.76 -27.03 -32.83
N LEU A 881 23.52 -27.19 -33.29
CA LEU A 881 22.41 -26.47 -32.68
C LEU A 881 22.20 -26.90 -31.23
N LEU A 882 22.28 -28.20 -30.97
CA LEU A 882 22.12 -28.68 -29.60
C LEU A 882 23.19 -28.10 -28.69
N SER A 883 24.44 -28.07 -29.16
CA SER A 883 25.51 -27.48 -28.37
C SER A 883 25.25 -25.99 -28.12
N LYS A 884 24.83 -25.27 -29.17
CA LYS A 884 24.54 -23.85 -29.00
C LYS A 884 23.42 -23.63 -28.01
N PHE A 885 22.49 -24.59 -27.90
CA PHE A 885 21.42 -24.51 -26.92
C PHE A 885 21.89 -24.86 -25.51
N ARG A 886 23.11 -25.35 -25.37
CA ARG A 886 23.66 -25.71 -24.06
C ARG A 886 22.63 -26.49 -23.25
N LEU A 887 21.84 -27.31 -23.92
CA LEU A 887 20.76 -28.06 -23.27
C LEU A 887 21.24 -29.34 -22.61
N GLY A 888 22.50 -29.72 -22.79
CA GLY A 888 22.94 -30.99 -22.28
C GLY A 888 22.18 -32.17 -22.84
N PHE A 889 21.80 -32.10 -24.12
CA PHE A 889 21.06 -33.19 -24.73
C PHE A 889 21.91 -34.45 -24.69
N HIS A 890 21.52 -35.40 -23.85
CA HIS A 890 22.34 -36.60 -23.64
C HIS A 890 22.29 -37.56 -24.82
N GLU A 891 21.20 -37.57 -25.58
CA GLU A 891 21.11 -38.44 -26.74
C GLU A 891 20.47 -37.69 -27.90
N VAL A 892 20.90 -38.03 -29.11
CA VAL A 892 20.31 -37.52 -30.34
C VAL A 892 20.08 -38.69 -31.27
N HIS A 893 18.82 -38.89 -31.67
CA HIS A 893 18.44 -39.97 -32.56
C HIS A 893 17.89 -39.40 -33.86
N ILE A 894 18.05 -40.15 -34.94
CA ILE A 894 17.52 -39.77 -36.25
C ILE A 894 16.43 -40.77 -36.62
N LEU A 895 15.27 -40.25 -37.03
CA LEU A 895 14.12 -41.05 -37.41
C LEU A 895 13.67 -40.63 -38.80
N PRO A 896 14.38 -41.04 -39.84
CA PRO A 896 14.01 -40.63 -41.21
C PRO A 896 12.86 -41.44 -41.78
N ASP A 897 12.36 -42.43 -41.05
CA ASP A 897 11.27 -43.28 -41.51
C ASP A 897 9.92 -42.57 -41.32
N ILE A 898 9.82 -41.34 -41.80
CA ILE A 898 8.61 -40.56 -41.62
C ILE A 898 7.69 -40.65 -42.83
N ASN A 899 8.26 -40.57 -44.03
CA ASN A 899 7.48 -40.67 -45.26
C ASN A 899 6.95 -42.08 -45.50
N GLN A 900 7.46 -43.07 -44.78
CA GLN A 900 7.00 -44.44 -44.96
C GLN A 900 5.50 -44.55 -44.70
N ASN A 901 4.82 -45.31 -45.54
CA ASN A 901 3.38 -45.49 -45.38
C ASN A 901 3.10 -46.20 -44.06
N PRO A 902 2.20 -45.68 -43.23
CA PRO A 902 1.91 -46.32 -41.94
C PRO A 902 1.07 -47.57 -42.13
N ARG A 903 0.97 -48.34 -41.05
CA ARG A 903 0.19 -49.58 -41.08
C ARG A 903 -1.26 -49.28 -41.43
N ALA A 904 -1.86 -50.16 -42.24
CA ALA A 904 -3.21 -49.92 -42.73
C ALA A 904 -4.22 -49.78 -41.61
N GLU A 905 -3.99 -50.48 -40.49
CA GLU A 905 -4.95 -50.43 -39.39
C GLU A 905 -5.09 -49.01 -38.86
N HIS A 906 -3.97 -48.31 -38.65
CA HIS A 906 -4.02 -46.97 -38.11
C HIS A 906 -4.54 -45.97 -39.13
N THR A 907 -4.25 -46.20 -40.41
CA THR A 907 -4.86 -45.36 -41.44
C THR A 907 -6.38 -45.51 -41.44
N LYS A 908 -6.87 -46.74 -41.28
CA LYS A 908 -8.30 -46.95 -41.16
C LYS A 908 -8.86 -46.26 -39.92
N ARG A 909 -8.13 -46.32 -38.81
CA ARG A 909 -8.57 -45.59 -37.62
C ARG A 909 -8.71 -44.10 -37.90
N PHE A 910 -7.70 -43.52 -38.56
CA PHE A 910 -7.76 -42.10 -38.89
C PHE A 910 -8.95 -41.79 -39.79
N GLU A 911 -9.17 -42.63 -40.81
CA GLU A 911 -10.32 -42.44 -41.67
C GLU A 911 -11.61 -42.48 -40.88
N ASP A 912 -11.72 -43.41 -39.93
CA ASP A 912 -12.92 -43.52 -39.12
C ASP A 912 -13.14 -42.26 -38.30
N MET A 913 -12.08 -41.73 -37.68
CA MET A 913 -12.24 -40.55 -36.85
C MET A 913 -12.67 -39.34 -37.68
N ILE A 914 -12.18 -39.25 -38.92
CA ILE A 914 -12.47 -38.10 -39.76
C ILE A 914 -13.76 -38.26 -40.56
N ALA A 915 -14.31 -39.47 -40.63
CA ALA A 915 -15.48 -39.72 -41.48
C ALA A 915 -16.65 -38.80 -41.14
N PRO A 916 -17.03 -38.61 -39.88
CA PRO A 916 -18.24 -37.82 -39.60
C PRO A 916 -18.19 -36.40 -40.14
N PHE A 917 -17.00 -35.83 -40.31
CA PHE A 917 -16.86 -34.45 -40.77
C PHE A 917 -16.71 -34.35 -42.28
N ARG A 918 -16.77 -35.47 -42.99
CA ARG A 918 -16.64 -35.45 -44.44
C ARG A 918 -17.86 -34.79 -45.06
N LEU A 919 -17.64 -33.95 -46.07
CA LEU A 919 -18.74 -33.34 -46.80
C LEU A 919 -19.11 -34.09 -48.07
N ASN A 920 -18.29 -35.06 -48.50
CA ASN A 920 -18.58 -35.86 -49.69
C ASN A 920 -18.81 -34.96 -50.90
N ASP A 921 -17.75 -34.24 -51.28
CA ASP A 921 -17.84 -33.26 -52.35
C ASP A 921 -16.79 -33.52 -53.43
N GLY A 922 -16.66 -34.78 -53.85
CA GLY A 922 -15.63 -35.10 -54.84
C GLY A 922 -15.85 -34.39 -56.16
N PHE A 923 -17.08 -34.44 -56.67
CA PHE A 923 -17.39 -33.83 -57.95
C PHE A 923 -17.64 -32.33 -57.87
N LYS A 924 -17.90 -31.82 -56.67
CA LYS A 924 -18.15 -30.40 -56.49
C LYS A 924 -16.86 -29.60 -56.60
N ASP A 925 -16.95 -28.41 -57.19
CA ASP A 925 -15.79 -27.59 -57.44
C ASP A 925 -15.39 -26.82 -56.19
N GLU A 926 -14.21 -26.19 -56.26
CA GLU A 926 -13.75 -25.34 -55.17
C GLU A 926 -14.65 -24.11 -55.02
N ALA A 927 -15.16 -23.57 -56.11
CA ALA A 927 -15.98 -22.37 -56.05
C ALA A 927 -17.27 -22.62 -55.28
N THR A 928 -17.91 -23.77 -55.51
CA THR A 928 -19.21 -24.05 -54.91
C THR A 928 -19.11 -24.78 -53.57
N VAL A 929 -17.92 -25.20 -53.15
CA VAL A 929 -17.81 -25.98 -51.93
C VAL A 929 -18.19 -25.14 -50.72
N ASN A 930 -17.73 -23.89 -50.69
CA ASN A 930 -18.03 -23.03 -49.54
C ASN A 930 -19.53 -22.79 -49.39
N GLU A 931 -20.32 -23.01 -50.44
CA GLU A 931 -21.76 -22.80 -50.34
C GLU A 931 -22.35 -23.62 -49.20
N MET A 932 -22.27 -24.95 -49.30
CA MET A 932 -22.77 -25.79 -48.22
C MET A 932 -21.97 -25.63 -46.94
N ARG A 933 -20.78 -25.05 -47.01
CA ARG A 933 -19.98 -24.76 -45.83
C ARG A 933 -20.44 -23.50 -45.10
N ARG A 934 -21.30 -22.69 -45.72
CA ARG A 934 -21.69 -21.42 -45.11
C ARG A 934 -22.08 -21.59 -43.65
N ASP A 935 -22.78 -22.67 -43.32
CA ASP A 935 -23.23 -22.92 -41.96
C ASP A 935 -22.43 -24.01 -41.25
N CYS A 936 -21.65 -24.80 -41.98
CA CYS A 936 -20.84 -25.87 -41.41
C CYS A 936 -19.42 -25.78 -41.97
N PRO A 937 -18.66 -24.77 -41.54
CA PRO A 937 -17.30 -24.60 -42.08
C PRO A 937 -16.33 -25.68 -41.63
N TRP A 938 -16.68 -26.46 -40.61
CA TRP A 938 -15.78 -27.49 -40.11
C TRP A 938 -15.71 -28.69 -41.04
N LYS A 939 -16.75 -28.93 -41.85
CA LYS A 939 -16.79 -30.10 -42.69
C LYS A 939 -15.66 -30.08 -43.72
N ILE A 940 -15.11 -31.26 -43.99
CA ILE A 940 -13.97 -31.40 -44.89
C ILE A 940 -14.47 -31.54 -46.32
N SER A 941 -13.60 -31.24 -47.27
CA SER A 941 -13.91 -31.32 -48.69
C SER A 941 -13.10 -32.43 -49.35
N ASP A 942 -13.74 -33.13 -50.27
CA ASP A 942 -13.08 -34.25 -50.95
C ASP A 942 -11.75 -33.81 -51.55
N GLU A 943 -11.73 -32.67 -52.23
CA GLU A 943 -10.47 -32.13 -52.73
C GLU A 943 -9.51 -31.85 -51.58
N GLU A 944 -10.04 -31.33 -50.47
CA GLU A 944 -9.20 -31.11 -49.30
C GLU A 944 -8.64 -32.43 -48.77
N ILE A 945 -9.47 -33.47 -48.74
CA ILE A 945 -9.00 -34.77 -48.28
C ILE A 945 -7.87 -35.27 -49.17
N THR A 946 -8.03 -35.14 -50.49
CA THR A 946 -7.01 -35.62 -51.41
C THR A 946 -5.76 -34.75 -51.40
N LYS A 947 -5.87 -33.49 -50.98
CA LYS A 947 -4.71 -32.61 -50.92
C LYS A 947 -3.88 -32.85 -49.66
N ASN A 948 -4.53 -32.95 -48.51
CA ASN A 948 -3.85 -33.22 -47.25
C ASN A 948 -3.92 -34.71 -46.94
N ARG A 949 -3.30 -35.49 -47.81
CA ARG A 949 -3.23 -36.93 -47.66
C ARG A 949 -1.87 -37.41 -47.18
N VAL A 950 -0.79 -37.03 -47.86
CA VAL A 950 0.55 -37.40 -47.42
C VAL A 950 0.87 -36.74 -46.08
N LYS A 951 0.54 -35.45 -45.95
CA LYS A 951 0.79 -34.76 -44.70
C LYS A 951 -0.11 -35.28 -43.60
N SER A 952 -1.26 -35.85 -43.93
CA SER A 952 -2.12 -36.48 -42.95
C SER A 952 -1.59 -37.84 -42.51
N LEU A 953 -0.98 -38.58 -43.43
CA LEU A 953 -0.40 -39.87 -43.07
C LEU A 953 0.89 -39.70 -42.29
N ARG A 954 1.59 -38.58 -42.51
CA ARG A 954 2.77 -38.31 -41.68
C ARG A 954 2.41 -38.23 -40.21
N GLN A 955 1.22 -37.72 -39.89
CA GLN A 955 0.79 -37.67 -38.50
C GLN A 955 0.71 -39.07 -37.90
N VAL A 956 0.10 -40.01 -38.64
CA VAL A 956 -0.05 -41.37 -38.15
C VAL A 956 1.31 -42.04 -38.04
N ARG A 957 2.19 -41.81 -39.01
CA ARG A 957 3.52 -42.41 -38.97
C ARG A 957 4.30 -41.91 -37.77
N LEU A 958 4.23 -40.60 -37.52
CA LEU A 958 4.92 -40.03 -36.36
C LEU A 958 4.33 -40.55 -35.07
N ASN A 959 3.01 -40.77 -35.03
CA ASN A 959 2.41 -41.40 -33.86
C ASN A 959 2.95 -42.81 -33.66
N GLU A 960 3.10 -43.56 -34.74
CA GLU A 960 3.71 -44.90 -34.65
C GLU A 960 5.08 -44.80 -34.00
N ILE A 961 5.92 -43.88 -34.51
CA ILE A 961 7.28 -43.77 -34.01
C ILE A 961 7.28 -43.40 -32.53
N VAL A 962 6.46 -42.41 -32.16
CA VAL A 962 6.41 -41.98 -30.76
C VAL A 962 5.94 -43.10 -29.87
N LEU A 963 4.92 -43.84 -30.30
CA LEU A 963 4.40 -44.94 -29.51
C LEU A 963 5.43 -46.04 -29.31
N ASP A 964 6.24 -46.33 -30.33
CA ASP A 964 7.27 -47.35 -30.17
C ASP A 964 8.49 -46.90 -29.37
N TYR A 965 8.84 -45.62 -29.41
CA TYR A 965 9.99 -45.11 -28.67
C TYR A 965 9.63 -44.62 -27.28
N SER A 966 8.75 -43.64 -27.18
CA SER A 966 8.49 -42.94 -25.91
C SER A 966 7.22 -43.45 -25.27
N ARG A 967 7.34 -44.60 -24.61
CA ARG A 967 6.23 -45.18 -23.87
C ARG A 967 6.46 -45.22 -22.37
N ASP A 968 7.68 -44.95 -21.92
CA ASP A 968 8.00 -44.92 -20.49
C ASP A 968 8.65 -43.59 -20.12
N ALA A 969 8.37 -42.54 -20.88
CA ALA A 969 9.00 -41.24 -20.67
C ALA A 969 8.18 -40.41 -19.69
N ALA A 970 8.87 -39.59 -18.91
CA ALA A 970 8.17 -38.68 -18.00
C ALA A 970 7.38 -37.65 -18.77
N LEU A 971 7.95 -37.11 -19.85
CA LEU A 971 7.30 -36.11 -20.68
C LEU A 971 7.61 -36.38 -22.14
N ILE A 972 6.70 -36.00 -23.00
CA ILE A 972 6.87 -36.11 -24.45
C ILE A 972 6.60 -34.75 -25.06
N VAL A 973 7.52 -34.28 -25.89
CA VAL A 973 7.40 -33.00 -26.58
C VAL A 973 7.48 -33.26 -28.08
N ILE A 974 6.49 -32.76 -28.82
CA ILE A 974 6.45 -32.92 -30.26
C ILE A 974 6.16 -31.56 -30.90
N THR A 975 6.58 -31.42 -32.14
CA THR A 975 6.32 -30.20 -32.88
C THR A 975 4.84 -30.14 -33.26
N LEU A 976 4.21 -29.01 -32.98
CA LEU A 976 2.79 -28.87 -33.23
C LEU A 976 2.54 -28.68 -34.72
N PRO A 977 1.72 -29.52 -35.36
CA PRO A 977 1.38 -29.28 -36.77
C PRO A 977 0.69 -27.94 -36.93
N ILE A 978 0.86 -27.34 -38.10
CA ILE A 978 0.22 -26.08 -38.42
C ILE A 978 -0.78 -26.32 -39.56
N GLY A 979 -1.97 -25.77 -39.39
CA GLY A 979 -3.00 -25.89 -40.40
C GLY A 979 -3.27 -24.57 -41.09
N ARG A 980 -3.10 -24.55 -42.41
CA ARG A 980 -3.26 -23.30 -43.15
C ARG A 980 -4.72 -22.90 -43.21
N LYS A 981 -4.98 -21.61 -42.97
CA LYS A 981 -6.34 -21.11 -42.95
C LYS A 981 -7.01 -21.36 -44.29
N GLY A 982 -8.30 -21.72 -44.24
CA GLY A 982 -9.08 -21.94 -45.46
C GLY A 982 -8.85 -23.25 -46.16
N LYS A 983 -7.61 -23.56 -46.52
CA LYS A 983 -7.32 -24.82 -47.19
C LYS A 983 -6.99 -25.94 -46.22
N CYS A 984 -7.17 -25.73 -44.92
CA CYS A 984 -7.07 -26.80 -43.94
C CYS A 984 -8.26 -26.67 -42.99
N PRO A 985 -9.33 -27.45 -43.19
CA PRO A 985 -10.50 -27.32 -42.32
C PRO A 985 -10.13 -27.55 -40.86
N SER A 986 -10.82 -26.85 -39.97
CA SER A 986 -10.52 -26.94 -38.55
C SER A 986 -10.67 -28.37 -38.04
N SER A 987 -11.67 -29.09 -38.52
CA SER A 987 -11.87 -30.46 -38.07
C SER A 987 -10.68 -31.34 -38.45
N LEU A 988 -10.15 -31.16 -39.65
CA LEU A 988 -8.97 -31.93 -40.05
C LEU A 988 -7.78 -31.60 -39.17
N TYR A 989 -7.60 -30.32 -38.83
CA TYR A 989 -6.50 -29.94 -37.94
C TYR A 989 -6.66 -30.60 -36.58
N MET A 990 -7.88 -30.61 -36.05
CA MET A 990 -8.11 -31.26 -34.77
C MET A 990 -7.84 -32.76 -34.87
N ALA A 991 -8.20 -33.38 -36.00
CA ALA A 991 -7.91 -34.79 -36.19
C ALA A 991 -6.41 -35.05 -36.21
N TRP A 992 -5.65 -34.17 -36.86
CA TRP A 992 -4.20 -34.30 -36.84
C TRP A 992 -3.66 -34.23 -35.43
N LEU A 993 -4.15 -33.25 -34.66
CA LEU A 993 -3.71 -33.12 -33.27
C LEU A 993 -4.04 -34.38 -32.49
N GLU A 994 -5.23 -34.93 -32.70
CA GLU A 994 -5.64 -36.13 -31.97
C GLU A 994 -4.75 -37.31 -32.30
N THR A 995 -4.52 -37.56 -33.60
CA THR A 995 -3.71 -38.71 -33.98
C THR A 995 -2.27 -38.55 -33.50
N LEU A 996 -1.70 -37.37 -33.63
CA LEU A 996 -0.31 -37.15 -33.22
C LEU A 996 -0.09 -37.61 -31.79
N SER A 997 -0.93 -37.14 -30.87
CA SER A 997 -0.82 -37.46 -29.46
C SER A 997 -2.01 -38.33 -29.07
N GLN A 998 -1.80 -39.64 -29.06
CA GLN A 998 -2.86 -40.57 -28.67
C GLN A 998 -2.23 -41.87 -28.21
N ASP A 999 -2.87 -42.53 -27.24
CA ASP A 999 -2.41 -43.79 -26.70
C ASP A 999 -1.10 -43.66 -25.93
N LEU A 1000 -0.72 -42.45 -25.54
CA LEU A 1000 0.52 -42.19 -24.84
C LEU A 1000 0.22 -41.94 -23.36
N ARG A 1001 0.83 -42.74 -22.50
CA ARG A 1001 0.64 -42.55 -21.06
C ARG A 1001 1.21 -41.22 -20.56
N PRO A 1002 2.43 -40.82 -20.93
CA PRO A 1002 3.01 -39.61 -20.37
C PRO A 1002 2.32 -38.37 -20.89
N PRO A 1003 2.42 -37.25 -20.19
CA PRO A 1003 1.90 -35.99 -20.73
C PRO A 1003 2.56 -35.66 -22.05
N VAL A 1004 1.78 -35.14 -22.98
CA VAL A 1004 2.26 -34.77 -24.31
C VAL A 1004 2.08 -33.26 -24.47
N ILE A 1005 3.15 -32.59 -24.88
CA ILE A 1005 3.13 -31.15 -25.15
C ILE A 1005 3.48 -30.95 -26.62
N LEU A 1006 2.55 -30.36 -27.36
CA LEU A 1006 2.77 -30.02 -28.76
C LEU A 1006 3.09 -28.53 -28.83
N ILE A 1007 4.28 -28.19 -29.29
CA ILE A 1007 4.78 -26.82 -29.25
C ILE A 1007 5.13 -26.37 -30.67
N ARG A 1008 5.01 -25.07 -30.89
CA ARG A 1008 5.48 -24.45 -32.13
C ARG A 1008 5.87 -23.02 -31.80
N GLY A 1009 7.15 -22.71 -31.96
CA GLY A 1009 7.66 -21.43 -31.55
C GLY A 1009 7.14 -20.29 -32.40
N ASN A 1010 7.57 -19.09 -32.02
CA ASN A 1010 7.13 -17.86 -32.66
C ASN A 1010 7.95 -17.51 -33.90
N GLN A 1011 8.89 -18.37 -34.28
CA GLN A 1011 9.84 -18.09 -35.36
C GLN A 1011 10.83 -17.01 -34.96
N GLU A 1012 10.97 -16.77 -33.66
CA GLU A 1012 11.88 -15.77 -33.13
C GLU A 1012 12.98 -16.47 -32.35
N ASN A 1013 14.21 -16.02 -32.53
CA ASN A 1013 15.36 -16.68 -31.92
C ASN A 1013 15.30 -16.61 -30.40
N VAL A 1014 15.01 -17.74 -29.76
CA VAL A 1014 15.05 -17.81 -28.30
C VAL A 1014 16.45 -18.09 -27.78
N LEU A 1015 17.42 -18.33 -28.67
CA LEU A 1015 18.79 -18.55 -28.22
C LEU A 1015 19.34 -17.36 -27.46
N THR A 1016 18.79 -16.16 -27.69
CA THR A 1016 19.25 -14.98 -26.97
C THR A 1016 18.98 -15.09 -25.48
N PHE A 1017 18.00 -15.91 -25.09
CA PHE A 1017 17.71 -16.10 -23.68
C PHE A 1017 18.95 -16.55 -22.92
N TYR A 1018 19.81 -17.32 -23.57
CA TYR A 1018 20.95 -17.94 -22.91
C TYR A 1018 22.01 -16.89 -22.59
N CYS A 1019 22.87 -17.23 -21.64
CA CYS A 1019 23.97 -16.35 -21.24
C CYS A 1019 24.92 -16.10 -22.40
N VAL B 615 21.58 -5.45 -18.04
CA VAL B 615 20.79 -4.35 -17.52
C VAL B 615 19.31 -4.61 -17.74
N GLN B 616 18.93 -4.87 -18.99
CA GLN B 616 17.53 -5.15 -19.29
C GLN B 616 17.06 -6.41 -18.58
N ALA B 617 17.90 -7.44 -18.54
CA ALA B 617 17.53 -8.67 -17.84
C ALA B 617 17.31 -8.41 -16.35
N GLY B 618 18.20 -7.65 -15.73
CA GLY B 618 18.03 -7.36 -14.31
C GLY B 618 16.80 -6.52 -14.03
N SER B 619 16.53 -5.53 -14.88
CA SER B 619 15.34 -4.73 -14.72
C SER B 619 14.08 -5.57 -14.85
N TYR B 620 14.06 -6.47 -15.84
CA TYR B 620 12.91 -7.36 -15.98
C TYR B 620 12.76 -8.25 -14.75
N ASN B 621 13.87 -8.78 -14.24
CA ASN B 621 13.80 -9.64 -13.07
C ASN B 621 13.21 -8.91 -11.88
N LEU B 622 13.70 -7.69 -11.61
CA LEU B 622 13.17 -6.92 -10.49
C LEU B 622 11.69 -6.61 -10.70
N ALA B 623 11.33 -6.17 -11.90
CA ALA B 623 9.93 -5.84 -12.18
C ALA B 623 9.03 -7.04 -11.93
N LEU B 624 9.40 -8.19 -12.46
CA LEU B 624 8.57 -9.38 -12.31
C LEU B 624 8.47 -9.80 -10.85
N SER B 625 9.60 -9.78 -10.13
CA SER B 625 9.59 -10.21 -8.74
C SER B 625 8.66 -9.32 -7.92
N TYR B 626 8.77 -8.01 -8.10
CA TYR B 626 7.96 -7.11 -7.28
C TYR B 626 6.50 -7.14 -7.70
N SER B 627 6.22 -7.29 -8.99
CA SER B 627 4.84 -7.41 -9.43
C SER B 627 4.18 -8.66 -8.85
N VAL B 628 4.90 -9.78 -8.85
CA VAL B 628 4.36 -11.00 -8.27
C VAL B 628 4.20 -10.84 -6.76
N GLY B 629 5.17 -10.22 -6.09
CA GLY B 629 5.06 -10.02 -4.66
C GLY B 629 3.86 -9.16 -4.29
N LEU B 630 3.51 -8.21 -5.15
CA LEU B 630 2.33 -7.40 -4.90
C LEU B 630 1.05 -8.22 -4.87
N ASN B 631 1.08 -9.45 -5.39
CA ASN B 631 -0.09 -10.31 -5.36
C ASN B 631 -0.45 -10.70 -3.94
N GLU B 632 0.55 -10.77 -3.05
CA GLU B 632 0.29 -11.17 -1.67
C GLU B 632 -0.34 -10.04 -0.87
N VAL B 633 -0.06 -8.79 -1.22
CA VAL B 633 -0.51 -7.66 -0.42
C VAL B 633 -2.01 -7.48 -0.59
N GLU B 634 -2.73 -7.35 0.53
CA GLU B 634 -4.16 -7.14 0.49
C GLU B 634 -4.48 -5.66 0.26
N ASP B 635 -5.66 -5.42 -0.29
CA ASP B 635 -6.12 -4.06 -0.59
C ASP B 635 -6.73 -3.44 0.67
N HIS B 636 -6.50 -2.13 0.82
CA HIS B 636 -7.05 -1.40 1.96
C HIS B 636 -7.41 0.00 1.50
N ILE B 637 -8.39 0.60 2.19
CA ILE B 637 -8.83 1.94 1.84
C ILE B 637 -7.71 2.94 2.05
N LYS B 638 -6.92 2.75 3.11
CA LYS B 638 -5.82 3.68 3.36
C LYS B 638 -4.83 3.70 2.21
N ASN B 639 -4.65 2.57 1.54
CA ASN B 639 -3.67 2.45 0.47
C ASN B 639 -4.30 2.55 -0.92
N TYR B 640 -5.56 2.99 -1.00
CA TYR B 640 -6.19 3.13 -2.31
C TYR B 640 -5.38 4.06 -3.19
N ARG B 641 -5.23 3.67 -4.45
CA ARG B 641 -4.49 4.45 -5.42
C ARG B 641 -5.30 4.58 -6.70
N PRO B 642 -5.41 5.77 -7.26
CA PRO B 642 -6.17 5.91 -8.51
C PRO B 642 -5.36 5.45 -9.71
N GLN B 643 -5.68 4.26 -10.22
CA GLN B 643 -5.03 3.73 -11.41
C GLN B 643 -5.81 4.14 -12.63
N CYS B 644 -5.20 4.96 -13.48
CA CYS B 644 -5.90 5.65 -14.54
C CYS B 644 -5.63 4.99 -15.88
N LEU B 645 -6.69 4.76 -16.64
CA LEU B 645 -6.62 4.33 -18.03
C LEU B 645 -7.01 5.52 -18.89
N VAL B 646 -6.03 6.20 -19.46
CA VAL B 646 -6.26 7.42 -20.20
C VAL B 646 -6.52 7.07 -21.66
N LEU B 647 -7.68 7.47 -22.16
CA LEU B 647 -8.03 7.25 -23.57
C LEU B 647 -7.46 8.41 -24.37
N THR B 648 -6.24 8.25 -24.84
CA THR B 648 -5.54 9.30 -25.57
C THR B 648 -5.45 9.07 -27.07
N GLY B 649 -5.65 7.84 -27.53
CA GLY B 649 -5.31 7.50 -28.89
C GLY B 649 -3.81 7.64 -29.07
N PRO B 650 -3.38 8.22 -30.18
CA PRO B 650 -1.96 8.54 -30.33
C PRO B 650 -1.55 9.58 -29.31
N PRO B 651 -0.64 9.24 -28.41
CA PRO B 651 -0.35 10.14 -27.28
C PRO B 651 0.15 11.51 -27.69
N ASN B 652 0.64 11.68 -28.91
CA ASN B 652 1.07 12.99 -29.37
C ASN B 652 -0.08 13.82 -29.93
N PHE B 653 -1.25 13.21 -30.15
CA PHE B 653 -2.41 13.96 -30.62
C PHE B 653 -3.09 14.75 -29.50
N ARG B 654 -3.13 14.21 -28.29
CA ARG B 654 -3.78 14.86 -27.16
C ARG B 654 -2.81 14.91 -26.00
N PRO B 655 -1.78 15.77 -26.09
CA PRO B 655 -0.81 15.86 -25.00
C PRO B 655 -1.39 16.45 -23.73
N ALA B 656 -2.49 17.20 -23.80
CA ALA B 656 -3.07 17.77 -22.59
C ALA B 656 -3.53 16.69 -21.63
N LEU B 657 -4.19 15.66 -22.14
CA LEU B 657 -4.63 14.55 -21.29
C LEU B 657 -3.44 13.88 -20.62
N VAL B 658 -2.40 13.60 -21.39
CA VAL B 658 -1.22 12.93 -20.85
C VAL B 658 -0.59 13.78 -19.76
N ASP B 659 -0.41 15.07 -20.03
CA ASP B 659 0.21 15.96 -19.05
C ASP B 659 -0.63 16.03 -17.78
N PHE B 660 -1.94 16.21 -17.92
CA PHE B 660 -2.79 16.34 -16.74
C PHE B 660 -2.76 15.09 -15.90
N VAL B 661 -2.89 13.91 -16.52
CA VAL B 661 -2.93 12.69 -15.73
C VAL B 661 -1.57 12.40 -15.12
N GLY B 662 -0.50 12.63 -15.87
CA GLY B 662 0.82 12.37 -15.34
C GLY B 662 1.24 13.34 -14.26
N THR B 663 0.58 14.50 -14.20
CA THR B 663 0.89 15.45 -13.14
C THR B 663 0.61 14.86 -11.77
N PHE B 664 -0.54 14.21 -11.60
CA PHE B 664 -0.92 13.68 -10.30
C PHE B 664 -0.69 12.18 -10.18
N THR B 665 -0.40 11.49 -11.28
CA THR B 665 -0.11 10.06 -11.22
C THR B 665 1.38 9.76 -11.06
N ARG B 666 2.25 10.73 -11.33
CA ARG B 666 3.68 10.48 -11.38
C ARG B 666 4.17 9.79 -10.11
N ASN B 667 4.79 8.62 -10.29
CA ASN B 667 5.29 7.77 -9.21
C ASN B 667 4.33 7.76 -8.02
N LEU B 668 3.04 7.70 -8.29
CA LEU B 668 2.04 7.49 -7.25
C LEU B 668 1.05 6.40 -7.61
N SER B 669 0.80 6.17 -8.89
CA SER B 669 -0.17 5.18 -9.30
C SER B 669 0.06 4.85 -10.77
N LEU B 670 -0.57 3.76 -11.20
CA LEU B 670 -0.41 3.28 -12.57
C LEU B 670 -1.12 4.21 -13.54
N MET B 671 -0.47 4.49 -14.67
CA MET B 671 -1.05 5.30 -15.73
C MET B 671 -0.85 4.57 -17.06
N ILE B 672 -1.93 4.35 -17.78
CA ILE B 672 -1.91 3.64 -19.06
C ILE B 672 -2.53 4.52 -20.12
N CYS B 673 -1.83 4.71 -21.23
CA CYS B 673 -2.36 5.45 -22.37
C CYS B 673 -2.96 4.45 -23.34
N GLY B 674 -4.29 4.49 -23.49
CA GLY B 674 -4.99 3.52 -24.32
C GLY B 674 -5.25 4.06 -25.71
N HIS B 675 -4.81 3.31 -26.71
CA HIS B 675 -5.03 3.65 -28.11
C HIS B 675 -5.80 2.51 -28.77
N VAL B 676 -6.88 2.86 -29.46
CA VAL B 676 -7.69 1.88 -30.18
C VAL B 676 -7.49 2.09 -31.66
N LEU B 677 -6.99 1.06 -32.34
CA LEU B 677 -6.77 1.10 -33.79
C LEU B 677 -8.05 0.61 -34.47
N ILE B 678 -8.81 1.52 -35.04
CA ILE B 678 -10.10 1.18 -35.61
C ILE B 678 -9.90 0.48 -36.95
N GLY B 679 -10.76 -0.48 -37.23
CA GLY B 679 -10.74 -1.17 -38.50
C GLY B 679 -10.34 -2.63 -38.36
N PRO B 680 -10.51 -3.41 -39.42
CA PRO B 680 -10.12 -4.82 -39.38
C PRO B 680 -8.68 -5.03 -39.77
N HIS B 681 -7.98 -5.92 -39.07
CA HIS B 681 -6.59 -6.21 -39.37
C HIS B 681 -6.19 -7.48 -38.62
N LYS B 682 -5.31 -8.26 -39.26
CA LYS B 682 -4.83 -9.52 -38.68
C LYS B 682 -3.65 -9.28 -37.74
N GLN B 683 -3.81 -8.30 -36.84
CA GLN B 683 -2.82 -7.96 -35.83
C GLN B 683 -1.39 -8.21 -36.29
N ARG B 684 -0.56 -8.74 -35.38
CA ARG B 684 0.83 -9.09 -35.68
C ARG B 684 1.53 -7.99 -36.48
N MET B 685 2.22 -8.40 -37.54
CA MET B 685 2.96 -7.47 -38.39
C MET B 685 4.07 -6.78 -37.60
N PRO B 686 5.11 -6.30 -38.27
CA PRO B 686 6.16 -5.57 -37.54
C PRO B 686 5.81 -4.10 -37.40
N GLU B 687 4.91 -3.62 -38.24
CA GLU B 687 4.51 -2.22 -38.19
C GLU B 687 3.83 -1.88 -36.86
N LEU B 688 2.97 -2.76 -36.35
CA LEU B 688 2.34 -2.48 -35.08
C LEU B 688 3.37 -2.28 -33.98
N GLN B 689 4.35 -3.18 -33.91
CA GLN B 689 5.40 -3.04 -32.90
C GLN B 689 6.23 -1.79 -33.12
N LEU B 690 6.51 -1.44 -34.38
CA LEU B 690 7.30 -0.25 -34.65
C LEU B 690 6.58 1.00 -34.18
N ILE B 691 5.29 1.13 -34.48
CA ILE B 691 4.53 2.30 -34.05
C ILE B 691 4.38 2.32 -32.54
N ALA B 692 4.17 1.16 -31.91
CA ALA B 692 4.11 1.13 -30.46
C ALA B 692 5.41 1.61 -29.84
N ASN B 693 6.54 1.17 -30.41
CA ASN B 693 7.84 1.61 -29.91
C ASN B 693 8.00 3.12 -30.09
N GLY B 694 7.56 3.65 -31.23
CA GLY B 694 7.65 5.08 -31.45
C GLY B 694 6.84 5.86 -30.42
N HIS B 695 5.62 5.40 -30.13
CA HIS B 695 4.79 6.07 -29.15
C HIS B 695 5.42 6.00 -27.75
N THR B 696 5.97 4.84 -27.41
CA THR B 696 6.64 4.71 -26.11
C THR B 696 7.84 5.64 -26.03
N LYS B 697 8.61 5.76 -27.11
CA LYS B 697 9.74 6.67 -27.12
C LYS B 697 9.29 8.11 -26.96
N TRP B 698 8.20 8.49 -27.63
CA TRP B 698 7.67 9.84 -27.47
C TRP B 698 7.26 10.09 -26.03
N LEU B 699 6.60 9.13 -25.40
CA LEU B 699 6.21 9.29 -24.00
C LEU B 699 7.43 9.41 -23.11
N ASN B 700 8.46 8.60 -23.34
CA ASN B 700 9.67 8.66 -22.52
C ASN B 700 10.38 9.99 -22.68
N LYS B 701 10.43 10.52 -23.91
CA LYS B 701 11.06 11.80 -24.14
C LYS B 701 10.39 12.91 -23.33
N ARG B 702 9.09 12.79 -23.08
CA ARG B 702 8.36 13.76 -22.28
C ARG B 702 8.50 13.53 -20.79
N LYS B 703 9.22 12.49 -20.38
CA LYS B 703 9.38 12.16 -18.97
C LYS B 703 8.03 11.90 -18.31
N ILE B 704 7.17 11.16 -18.99
CA ILE B 704 5.87 10.75 -18.48
C ILE B 704 5.95 9.27 -18.15
N LYS B 705 5.72 8.94 -16.88
CA LYS B 705 5.75 7.55 -16.43
C LYS B 705 4.39 6.92 -16.76
N ALA B 706 4.27 6.37 -17.96
CA ALA B 706 3.03 5.77 -18.40
C ALA B 706 3.32 4.60 -19.32
N PHE B 707 2.36 3.71 -19.43
CA PHE B 707 2.44 2.55 -20.32
C PHE B 707 1.53 2.79 -21.52
N TYR B 708 2.07 2.62 -22.71
CA TYR B 708 1.29 2.71 -23.93
C TYR B 708 0.71 1.35 -24.26
N SER B 709 -0.58 1.33 -24.59
CA SER B 709 -1.25 0.07 -24.92
C SER B 709 -2.25 0.34 -26.04
N ASP B 710 -2.13 -0.41 -27.13
CA ASP B 710 -3.00 -0.27 -28.28
C ASP B 710 -3.71 -1.58 -28.55
N VAL B 711 -4.95 -1.50 -29.01
CA VAL B 711 -5.74 -2.66 -29.37
C VAL B 711 -6.41 -2.41 -30.71
N ILE B 712 -6.82 -3.49 -31.36
CA ILE B 712 -7.50 -3.43 -32.65
C ILE B 712 -8.94 -3.86 -32.45
N ALA B 713 -9.87 -2.98 -32.81
CA ALA B 713 -11.29 -3.28 -32.67
C ALA B 713 -12.05 -2.62 -33.80
N GLU B 714 -13.27 -3.08 -34.02
CA GLU B 714 -14.11 -2.53 -35.08
C GLU B 714 -14.49 -1.08 -34.82
N ASP B 715 -14.60 -0.69 -33.55
CA ASP B 715 -14.95 0.68 -33.20
C ASP B 715 -14.33 1.02 -31.86
N LEU B 716 -14.44 2.29 -31.49
CA LEU B 716 -13.81 2.76 -30.26
C LEU B 716 -14.37 2.06 -29.03
N ARG B 717 -15.69 1.82 -29.02
CA ARG B 717 -16.31 1.21 -27.85
C ARG B 717 -15.74 -0.18 -27.58
N ARG B 718 -15.59 -1.00 -28.62
CA ARG B 718 -15.07 -2.35 -28.42
C ARG B 718 -13.64 -2.32 -27.91
N GLY B 719 -12.80 -1.46 -28.47
CA GLY B 719 -11.43 -1.38 -28.00
C GLY B 719 -11.35 -0.92 -26.55
N VAL B 720 -12.18 0.06 -26.19
CA VAL B 720 -12.19 0.53 -24.80
C VAL B 720 -12.63 -0.59 -23.88
N GLN B 721 -13.63 -1.38 -24.29
CA GLN B 721 -14.04 -2.51 -23.47
C GLN B 721 -12.91 -3.51 -23.30
N ILE B 722 -12.18 -3.79 -24.39
CA ILE B 722 -11.05 -4.72 -24.30
C ILE B 722 -10.03 -4.21 -23.29
N LEU B 723 -9.68 -2.92 -23.40
CA LEU B 723 -8.69 -2.35 -22.50
C LEU B 723 -9.15 -2.40 -21.05
N MET B 724 -10.42 -2.06 -20.81
CA MET B 724 -10.93 -2.05 -19.45
C MET B 724 -11.03 -3.46 -18.88
N GLN B 725 -11.20 -4.47 -19.74
CA GLN B 725 -11.34 -5.83 -19.25
C GLN B 725 -10.01 -6.52 -19.01
N ALA B 726 -9.00 -6.28 -19.85
CA ALA B 726 -7.79 -7.07 -19.78
C ALA B 726 -6.54 -6.30 -19.39
N ALA B 727 -6.48 -4.99 -19.65
CA ALA B 727 -5.26 -4.25 -19.39
C ALA B 727 -4.90 -4.33 -17.92
N GLY B 728 -3.61 -4.49 -17.64
CA GLY B 728 -3.09 -4.49 -16.29
C GLY B 728 -2.33 -5.76 -15.98
N LEU B 729 -1.95 -5.89 -14.71
CA LEU B 729 -1.19 -7.05 -14.27
C LEU B 729 -1.51 -7.28 -12.80
N GLY B 730 -2.31 -8.30 -12.52
CA GLY B 730 -2.64 -8.58 -11.13
C GLY B 730 -3.35 -7.42 -10.49
N ARG B 731 -2.86 -7.00 -9.33
CA ARG B 731 -3.45 -5.87 -8.61
C ARG B 731 -3.12 -4.53 -9.24
N MET B 732 -2.16 -4.48 -10.15
CA MET B 732 -1.80 -3.24 -10.84
C MET B 732 -2.63 -3.10 -12.12
N LYS B 733 -3.92 -2.91 -11.92
CA LYS B 733 -4.84 -2.73 -13.03
C LYS B 733 -5.68 -1.48 -12.82
N PRO B 734 -6.05 -0.79 -13.90
CA PRO B 734 -6.71 0.50 -13.76
C PRO B 734 -8.09 0.37 -13.13
N ASN B 735 -8.47 1.41 -12.39
CA ASN B 735 -9.79 1.52 -11.81
C ASN B 735 -10.48 2.84 -12.13
N ILE B 736 -9.87 3.69 -12.94
CA ILE B 736 -10.44 4.96 -13.35
C ILE B 736 -10.30 5.10 -14.85
N LEU B 737 -11.34 5.57 -15.51
CA LEU B 737 -11.32 5.85 -16.93
C LEU B 737 -11.25 7.36 -17.14
N VAL B 738 -10.22 7.82 -17.84
CA VAL B 738 -10.04 9.23 -18.16
C VAL B 738 -10.23 9.38 -19.66
N VAL B 739 -11.24 10.13 -20.07
CA VAL B 739 -11.57 10.32 -21.47
C VAL B 739 -11.82 11.79 -21.72
N GLY B 740 -11.44 12.25 -22.90
CA GLY B 740 -11.65 13.63 -23.25
C GLY B 740 -13.09 13.91 -23.66
N PHE B 741 -13.48 15.16 -23.54
CA PHE B 741 -14.83 15.57 -23.91
C PHE B 741 -14.99 15.57 -25.42
N LYS B 742 -16.17 15.11 -25.88
CA LYS B 742 -16.48 15.10 -27.31
C LYS B 742 -16.95 16.49 -27.72
N LYS B 743 -15.97 17.35 -28.03
CA LYS B 743 -16.29 18.74 -28.34
C LYS B 743 -17.21 18.89 -29.55
N ASN B 744 -17.19 17.95 -30.48
CA ASN B 744 -17.92 18.06 -31.73
C ASN B 744 -19.16 17.17 -31.75
N TRP B 745 -19.70 16.86 -30.58
CA TRP B 745 -20.80 15.91 -30.48
C TRP B 745 -22.06 16.36 -31.19
N GLN B 746 -22.22 17.65 -31.45
CA GLN B 746 -23.44 18.12 -32.11
C GLN B 746 -23.34 18.03 -33.63
N SER B 747 -22.20 18.40 -34.19
CA SER B 747 -21.99 18.33 -35.63
C SER B 747 -21.27 17.03 -36.00
N ALA B 748 -21.89 15.91 -35.63
CA ALA B 748 -21.33 14.60 -35.89
C ALA B 748 -22.45 13.59 -35.94
N HIS B 749 -22.15 12.43 -36.52
CA HIS B 749 -23.15 11.38 -36.63
C HIS B 749 -23.61 10.97 -35.23
N PRO B 750 -24.91 10.93 -34.96
CA PRO B 750 -25.39 10.56 -33.62
C PRO B 750 -24.88 9.20 -33.16
N ALA B 751 -24.55 8.30 -34.09
CA ALA B 751 -24.01 7.00 -33.68
C ALA B 751 -22.74 7.16 -32.86
N THR B 752 -21.89 8.12 -33.24
CA THR B 752 -20.68 8.36 -32.46
C THR B 752 -21.01 8.83 -31.05
N VAL B 753 -22.01 9.71 -30.92
CA VAL B 753 -22.41 10.17 -29.60
C VAL B 753 -22.93 9.01 -28.76
N GLU B 754 -23.74 8.14 -29.38
CA GLU B 754 -24.22 6.97 -28.67
C GLU B 754 -23.07 6.08 -28.23
N ASP B 755 -22.05 5.91 -29.08
CA ASP B 755 -20.90 5.08 -28.69
C ASP B 755 -20.11 5.72 -27.56
N TYR B 756 -20.00 7.05 -27.56
CA TYR B 756 -19.29 7.74 -26.48
C TYR B 756 -20.01 7.56 -25.15
N ILE B 757 -21.32 7.81 -25.14
CA ILE B 757 -22.08 7.61 -23.91
C ILE B 757 -22.05 6.14 -23.50
N GLY B 758 -22.03 5.23 -24.48
CA GLY B 758 -21.89 3.82 -24.15
C GLY B 758 -20.55 3.49 -23.54
N ILE B 759 -19.49 4.20 -23.96
CA ILE B 759 -18.19 4.03 -23.30
C ILE B 759 -18.31 4.41 -21.83
N LEU B 760 -18.97 5.53 -21.56
CA LEU B 760 -19.17 5.91 -20.15
C LEU B 760 -19.98 4.85 -19.41
N HIS B 761 -21.04 4.35 -20.05
CA HIS B 761 -21.89 3.35 -19.40
C HIS B 761 -21.12 2.08 -19.10
N ASP B 762 -20.29 1.64 -20.05
CA ASP B 762 -19.46 0.46 -19.82
C ASP B 762 -18.46 0.69 -18.70
N ALA B 763 -17.86 1.88 -18.65
CA ALA B 763 -16.96 2.20 -17.55
C ALA B 763 -17.68 2.05 -16.22
N PHE B 764 -18.90 2.57 -16.12
CA PHE B 764 -19.66 2.41 -14.88
C PHE B 764 -20.00 0.95 -14.63
N ASP B 765 -20.33 0.20 -15.69
CA ASP B 765 -20.71 -1.20 -15.54
C ASP B 765 -19.56 -2.05 -15.04
N PHE B 766 -18.33 -1.65 -15.33
CA PHE B 766 -17.15 -2.37 -14.88
C PHE B 766 -16.67 -1.92 -13.51
N ASN B 767 -17.40 -1.01 -12.86
CA ASN B 767 -17.07 -0.46 -11.55
C ASN B 767 -15.95 0.57 -11.63
N TYR B 768 -15.68 1.11 -12.81
CA TYR B 768 -14.65 2.12 -12.93
C TYR B 768 -15.16 3.47 -12.45
N GLY B 769 -14.22 4.30 -11.99
CA GLY B 769 -14.48 5.72 -11.82
C GLY B 769 -14.25 6.43 -13.14
N VAL B 770 -15.08 7.42 -13.42
CA VAL B 770 -15.07 8.10 -14.70
C VAL B 770 -14.59 9.53 -14.50
N CYS B 771 -13.71 9.98 -15.40
CA CYS B 771 -13.18 11.34 -15.37
C CYS B 771 -13.21 11.88 -16.79
N VAL B 772 -14.01 12.91 -17.03
CA VAL B 772 -14.17 13.52 -18.34
C VAL B 772 -13.47 14.87 -18.32
N MET B 773 -12.57 15.09 -19.28
CA MET B 773 -11.77 16.30 -19.36
C MET B 773 -12.24 17.16 -20.52
N ARG B 774 -12.50 18.43 -20.26
CA ARG B 774 -12.89 19.38 -21.28
C ARG B 774 -11.96 20.58 -21.27
N MET B 775 -11.52 20.99 -22.46
CA MET B 775 -10.76 22.20 -22.64
C MET B 775 -11.42 23.04 -23.73
N ARG B 776 -11.24 24.36 -23.64
CA ARG B 776 -11.95 25.26 -24.53
C ARG B 776 -11.67 24.94 -25.99
N GLU B 777 -10.39 24.77 -26.34
CA GLU B 777 -10.00 24.55 -27.72
C GLU B 777 -9.96 23.07 -28.11
N GLY B 778 -10.31 22.17 -27.22
CA GLY B 778 -10.24 20.76 -27.51
C GLY B 778 -8.88 20.18 -27.16
N LEU B 779 -8.80 18.85 -27.23
CA LEU B 779 -7.57 18.15 -26.85
C LEU B 779 -6.75 17.71 -28.05
N ASN B 780 -7.36 17.55 -29.22
CA ASN B 780 -6.65 17.06 -30.39
C ASN B 780 -5.95 18.22 -31.08
N VAL B 781 -4.65 18.08 -31.32
CA VAL B 781 -3.87 19.13 -31.96
C VAL B 781 -3.62 18.80 -33.42
N GLU B 815 11.22 18.58 -30.67
CA GLU B 815 10.38 19.50 -29.91
C GLU B 815 8.93 19.01 -29.84
N GLN B 816 8.44 18.79 -28.63
CA GLN B 816 7.09 18.32 -28.40
C GLN B 816 6.18 19.50 -28.08
N ALA B 817 4.88 19.29 -28.27
CA ALA B 817 3.90 20.33 -28.00
C ALA B 817 3.88 20.66 -26.52
N THR B 818 3.62 21.92 -26.21
CA THR B 818 3.51 22.39 -24.84
C THR B 818 2.05 22.62 -24.49
N THR B 819 1.66 22.18 -23.29
CA THR B 819 0.30 22.32 -22.81
C THR B 819 0.28 23.19 -21.56
N ILE B 820 -0.93 23.50 -21.10
CA ILE B 820 -1.08 24.37 -19.94
C ILE B 820 -0.54 23.71 -18.69
N PHE B 821 -0.69 22.39 -18.58
CA PHE B 821 -0.33 21.68 -17.36
C PHE B 821 1.18 21.49 -17.18
N GLN B 822 2.00 22.03 -18.07
CA GLN B 822 3.44 21.97 -17.89
C GLN B 822 3.99 23.19 -17.15
N SER B 823 3.17 24.20 -16.90
CA SER B 823 3.60 25.43 -16.25
C SER B 823 2.91 25.56 -14.90
N GLU B 824 3.63 26.11 -13.92
CA GLU B 824 3.04 26.30 -12.60
C GLU B 824 1.85 27.25 -12.68
N GLN B 825 0.77 26.88 -11.98
CA GLN B 825 -0.46 27.67 -12.03
C GLN B 825 -0.35 28.94 -11.21
N GLY B 826 0.36 28.89 -10.07
CA GLY B 826 0.52 30.06 -9.25
C GLY B 826 -0.50 30.14 -8.13
N LYS B 827 -1.06 31.32 -7.91
CA LYS B 827 -2.01 31.55 -6.83
C LYS B 827 -3.45 31.32 -7.23
N LYS B 828 -3.71 30.94 -8.48
CA LYS B 828 -5.08 30.66 -8.90
C LYS B 828 -5.68 29.57 -8.03
N THR B 829 -6.99 29.40 -8.15
CA THR B 829 -7.73 28.50 -7.29
C THR B 829 -8.18 27.25 -8.06
N ILE B 830 -8.27 26.15 -7.32
CA ILE B 830 -8.86 24.91 -7.82
C ILE B 830 -10.25 24.82 -7.20
N ASP B 831 -11.28 24.99 -8.03
CA ASP B 831 -12.65 25.05 -7.55
C ASP B 831 -13.27 23.66 -7.66
N ILE B 832 -13.76 23.16 -6.54
CA ILE B 832 -14.31 21.81 -6.44
C ILE B 832 -15.79 21.92 -6.09
N TYR B 833 -16.65 21.33 -6.92
CA TYR B 833 -18.09 21.35 -6.71
C TYR B 833 -18.52 19.94 -6.32
N TRP B 834 -18.47 19.65 -5.02
CA TRP B 834 -18.83 18.34 -4.48
C TRP B 834 -20.34 18.29 -4.27
N LEU B 835 -21.07 18.11 -5.36
CA LEU B 835 -22.53 18.10 -5.29
C LEU B 835 -23.10 16.81 -4.75
N PHE B 836 -22.49 15.67 -5.05
CA PHE B 836 -23.02 14.38 -4.62
C PHE B 836 -21.89 13.52 -4.08
N ASP B 837 -22.26 12.61 -3.17
CA ASP B 837 -21.29 11.72 -2.55
C ASP B 837 -21.00 10.57 -3.50
N ASP B 838 -19.75 10.50 -3.98
CA ASP B 838 -19.31 9.41 -4.83
C ASP B 838 -18.27 8.53 -4.15
N GLY B 839 -17.96 8.79 -2.89
CA GLY B 839 -16.91 8.08 -2.19
C GLY B 839 -15.69 8.91 -1.87
N GLY B 840 -15.44 9.97 -2.63
CA GLY B 840 -14.32 10.87 -2.37
C GLY B 840 -13.40 11.09 -3.55
N LEU B 841 -13.65 10.46 -4.71
CA LEU B 841 -12.75 10.66 -5.84
C LEU B 841 -12.71 12.11 -6.26
N THR B 842 -13.84 12.81 -6.19
CA THR B 842 -13.88 14.21 -6.57
C THR B 842 -12.90 15.05 -5.76
N LEU B 843 -12.57 14.62 -4.55
CA LEU B 843 -11.62 15.33 -3.70
C LEU B 843 -10.21 14.76 -3.78
N LEU B 844 -10.09 13.44 -3.92
CA LEU B 844 -8.77 12.81 -3.93
C LEU B 844 -7.94 13.29 -5.12
N ILE B 845 -8.56 13.38 -6.30
CA ILE B 845 -7.81 13.82 -7.48
C ILE B 845 -7.27 15.22 -7.31
N PRO B 846 -8.07 16.23 -6.95
CA PRO B 846 -7.49 17.55 -6.73
C PRO B 846 -6.51 17.60 -5.57
N TYR B 847 -6.71 16.79 -4.53
CA TYR B 847 -5.75 16.78 -3.43
C TYR B 847 -4.39 16.30 -3.92
N LEU B 848 -4.37 15.20 -4.67
CA LEU B 848 -3.10 14.70 -5.21
C LEU B 848 -2.53 15.67 -6.22
N LEU B 849 -3.38 16.37 -6.97
CA LEU B 849 -2.90 17.37 -7.91
C LEU B 849 -2.17 18.49 -7.18
N GLY B 850 -2.73 18.95 -6.06
CA GLY B 850 -2.11 20.02 -5.31
C GLY B 850 -0.88 19.62 -4.53
N ARG B 851 -0.57 18.34 -4.48
CA ARG B 851 0.62 17.87 -3.79
C ARG B 851 1.87 17.97 -4.65
N LYS B 852 1.73 18.33 -5.92
CA LYS B 852 2.85 18.59 -6.80
C LYS B 852 3.25 20.06 -6.72
N ARG B 853 4.48 20.36 -7.13
CA ARG B 853 4.99 21.72 -7.05
C ARG B 853 4.35 22.66 -8.05
N ARG B 854 3.72 22.15 -9.10
CA ARG B 854 3.02 23.00 -10.06
C ARG B 854 1.68 23.49 -9.54
N TRP B 855 1.06 22.77 -8.61
CA TRP B 855 -0.23 23.17 -8.05
C TRP B 855 -0.18 23.35 -6.54
N SER B 856 0.99 23.27 -5.92
CA SER B 856 1.06 23.40 -4.47
C SER B 856 0.73 24.79 -3.98
N LYS B 857 0.75 25.80 -4.85
CA LYS B 857 0.44 27.17 -4.47
C LYS B 857 -1.02 27.53 -4.69
N CYS B 858 -1.82 26.65 -5.29
CA CYS B 858 -3.20 26.97 -5.58
C CYS B 858 -4.07 26.85 -4.33
N LYS B 859 -5.00 27.79 -4.18
CA LYS B 859 -5.97 27.72 -3.11
C LYS B 859 -7.17 26.89 -3.56
N ILE B 860 -7.53 25.89 -2.74
CA ILE B 860 -8.58 24.94 -3.08
C ILE B 860 -9.88 25.39 -2.44
N ARG B 861 -10.92 25.53 -3.25
CA ARG B 861 -12.24 25.95 -2.78
C ARG B 861 -13.21 24.81 -3.00
N VAL B 862 -14.02 24.51 -1.99
CA VAL B 862 -14.99 23.43 -2.05
C VAL B 862 -16.38 24.02 -1.98
N PHE B 863 -17.21 23.70 -2.96
CA PHE B 863 -18.58 24.16 -3.05
C PHE B 863 -19.52 23.00 -2.83
N VAL B 864 -20.47 23.16 -1.90
CA VAL B 864 -21.43 22.12 -1.57
C VAL B 864 -22.80 22.75 -1.49
N GLY B 865 -23.82 22.02 -1.95
CA GLY B 865 -25.18 22.49 -1.87
C GLY B 865 -25.72 22.46 -0.45
N GLY B 866 -26.73 23.28 -0.21
CA GLY B 866 -27.32 23.36 1.11
C GLY B 866 -28.65 24.07 1.15
N GLN B 867 -29.03 24.56 2.32
CA GLN B 867 -30.29 25.26 2.53
C GLN B 867 -30.00 26.67 2.98
N ILE B 868 -30.87 27.61 2.57
CA ILE B 868 -30.66 29.01 2.89
C ILE B 868 -30.74 29.27 4.38
N ASN B 869 -31.52 28.49 5.12
CA ASN B 869 -31.73 28.70 6.54
C ASN B 869 -30.80 27.88 7.42
N ARG B 870 -29.88 27.12 6.83
CA ARG B 870 -28.93 26.33 7.62
C ARG B 870 -27.52 26.42 7.04
N MET B 871 -27.18 27.57 6.46
CA MET B 871 -25.88 27.70 5.81
C MET B 871 -24.74 27.57 6.79
N ASP B 872 -24.86 28.20 7.97
CA ASP B 872 -23.78 28.11 8.95
C ASP B 872 -23.55 26.68 9.40
N GLN B 873 -24.64 25.97 9.72
CA GLN B 873 -24.51 24.59 10.16
C GLN B 873 -23.91 23.71 9.07
N GLU B 874 -24.38 23.90 7.83
CA GLU B 874 -23.85 23.08 6.74
C GLU B 874 -22.38 23.37 6.50
N ARG B 875 -21.98 24.64 6.54
CA ARG B 875 -20.58 25.00 6.37
C ARG B 875 -19.73 24.38 7.46
N LYS B 876 -20.19 24.46 8.71
CA LYS B 876 -19.44 23.86 9.80
C LYS B 876 -19.31 22.36 9.63
N ALA B 877 -20.40 21.69 9.26
CA ALA B 877 -20.36 20.24 9.09
C ALA B 877 -19.40 19.84 7.98
N ILE B 878 -19.44 20.55 6.86
CA ILE B 878 -18.56 20.21 5.74
C ILE B 878 -17.11 20.48 6.09
N ILE B 879 -16.85 21.58 6.80
CA ILE B 879 -15.48 21.87 7.23
C ILE B 879 -14.98 20.79 8.17
N SER B 880 -15.84 20.34 9.09
CA SER B 880 -15.46 19.27 10.00
C SER B 880 -15.15 17.99 9.23
N LEU B 881 -15.97 17.66 8.25
CA LEU B 881 -15.72 16.46 7.44
C LEU B 881 -14.39 16.57 6.71
N LEU B 882 -14.13 17.72 6.10
CA LEU B 882 -12.89 17.89 5.36
C LEU B 882 -11.68 17.81 6.28
N SER B 883 -11.79 18.38 7.48
CA SER B 883 -10.70 18.28 8.44
C SER B 883 -10.49 16.84 8.90
N LYS B 884 -11.57 16.09 9.08
CA LYS B 884 -11.43 14.67 9.40
C LYS B 884 -10.71 13.94 8.29
N PHE B 885 -11.03 14.25 7.03
CA PHE B 885 -10.27 13.70 5.91
C PHE B 885 -8.85 14.23 5.88
N ARG B 886 -8.58 15.35 6.53
CA ARG B 886 -7.25 15.96 6.55
C ARG B 886 -6.76 16.26 5.14
N LEU B 887 -7.65 16.80 4.32
CA LEU B 887 -7.33 17.14 2.95
C LEU B 887 -6.69 18.52 2.81
N GLY B 888 -6.76 19.35 3.83
CA GLY B 888 -6.14 20.65 3.79
C GLY B 888 -6.73 21.59 2.76
N PHE B 889 -8.05 21.60 2.63
CA PHE B 889 -8.74 22.50 1.73
C PHE B 889 -9.04 23.81 2.45
N HIS B 890 -8.86 24.92 1.75
CA HIS B 890 -8.86 26.22 2.41
C HIS B 890 -10.28 26.71 2.67
N GLU B 891 -11.08 26.87 1.62
CA GLU B 891 -12.39 27.50 1.74
C GLU B 891 -13.50 26.50 1.45
N VAL B 892 -14.64 26.72 2.11
CA VAL B 892 -15.85 25.95 1.89
C VAL B 892 -16.99 26.92 1.65
N HIS B 893 -17.68 26.78 0.52
CA HIS B 893 -18.82 27.60 0.19
C HIS B 893 -20.07 26.74 0.05
N ILE B 894 -21.21 27.28 0.47
CA ILE B 894 -22.47 26.57 0.43
C ILE B 894 -23.38 27.25 -0.59
N LEU B 895 -23.93 26.47 -1.50
CA LEU B 895 -24.81 27.01 -2.53
C LEU B 895 -26.25 26.72 -2.15
N PRO B 896 -27.03 27.72 -1.73
CA PRO B 896 -28.41 27.49 -1.30
C PRO B 896 -29.46 27.65 -2.38
N ASP B 897 -29.06 27.90 -3.62
CA ASP B 897 -29.99 28.22 -4.69
C ASP B 897 -29.72 27.36 -5.92
N ILE B 898 -29.33 26.10 -5.70
CA ILE B 898 -29.15 25.21 -6.83
C ILE B 898 -30.47 24.78 -7.44
N ASN B 899 -31.56 24.80 -6.67
CA ASN B 899 -32.87 24.43 -7.16
C ASN B 899 -33.62 25.60 -7.78
N GLN B 900 -33.05 26.79 -7.75
CA GLN B 900 -33.70 27.94 -8.35
C GLN B 900 -33.81 27.77 -9.86
N ASN B 901 -34.93 28.21 -10.41
CA ASN B 901 -35.16 28.09 -11.84
C ASN B 901 -34.13 28.92 -12.61
N PRO B 902 -33.50 28.38 -13.63
CA PRO B 902 -32.47 29.13 -14.36
C PRO B 902 -33.05 30.21 -15.25
N ARG B 903 -32.20 31.11 -15.74
CA ARG B 903 -32.65 32.18 -16.62
C ARG B 903 -33.36 31.60 -17.84
N ALA B 904 -34.22 32.42 -18.43
CA ALA B 904 -34.98 32.01 -19.61
C ALA B 904 -34.09 31.77 -20.82
N GLU B 905 -33.06 32.60 -21.03
CA GLU B 905 -32.16 32.43 -22.17
C GLU B 905 -31.39 31.11 -22.12
N HIS B 906 -30.86 30.74 -20.95
CA HIS B 906 -30.09 29.52 -20.81
C HIS B 906 -30.93 28.26 -20.95
N THR B 907 -32.12 28.24 -20.38
CA THR B 907 -33.01 27.10 -20.60
C THR B 907 -33.42 26.98 -22.06
N LYS B 908 -33.65 28.11 -22.72
CA LYS B 908 -33.92 28.08 -24.16
C LYS B 908 -32.74 27.53 -24.93
N ARG B 909 -31.52 27.92 -24.55
CA ARG B 909 -30.34 27.37 -25.22
C ARG B 909 -30.26 25.87 -25.04
N PHE B 910 -30.50 25.39 -23.82
CA PHE B 910 -30.48 23.95 -23.59
C PHE B 910 -31.55 23.25 -24.43
N GLU B 911 -32.75 23.83 -24.50
CA GLU B 911 -33.81 23.23 -25.30
C GLU B 911 -33.41 23.16 -26.76
N ASP B 912 -32.81 24.22 -27.28
CA ASP B 912 -32.37 24.20 -28.67
C ASP B 912 -31.25 23.21 -28.90
N MET B 913 -30.45 22.93 -27.86
CA MET B 913 -29.35 21.99 -28.02
C MET B 913 -29.85 20.58 -28.33
N ILE B 914 -30.94 20.16 -27.69
CA ILE B 914 -31.48 18.82 -27.90
C ILE B 914 -32.62 18.82 -28.91
N ALA B 915 -32.88 19.96 -29.55
CA ALA B 915 -33.95 20.00 -30.56
C ALA B 915 -33.76 18.97 -31.66
N PRO B 916 -32.58 18.80 -32.26
CA PRO B 916 -32.43 17.83 -33.35
C PRO B 916 -32.36 16.38 -32.90
N PHE B 917 -32.53 16.12 -31.60
CA PHE B 917 -32.58 14.76 -31.08
C PHE B 917 -33.96 14.42 -30.54
N ARG B 918 -34.93 15.31 -30.71
CA ARG B 918 -36.28 15.08 -30.22
C ARG B 918 -36.96 14.08 -31.14
N LEU B 919 -37.31 12.90 -30.61
CA LEU B 919 -38.06 11.94 -31.40
C LEU B 919 -39.48 12.41 -31.66
N ASN B 920 -39.94 13.42 -30.92
CA ASN B 920 -41.26 14.00 -31.13
C ASN B 920 -42.37 12.96 -31.00
N ASP B 921 -42.06 11.87 -30.29
CA ASP B 921 -43.04 10.84 -29.96
C ASP B 921 -42.98 10.52 -28.48
N GLY B 922 -43.70 11.30 -27.68
CA GLY B 922 -43.77 11.06 -26.24
C GLY B 922 -45.19 11.01 -25.76
N PHE B 923 -46.09 10.62 -26.67
CA PHE B 923 -47.51 10.50 -26.37
C PHE B 923 -47.98 9.06 -26.53
N LYS B 924 -47.05 8.12 -26.67
CA LYS B 924 -47.36 6.71 -26.78
C LYS B 924 -46.63 5.96 -25.68
N ASP B 925 -47.09 4.73 -25.42
CA ASP B 925 -46.49 3.90 -24.40
C ASP B 925 -45.02 3.64 -24.72
N GLU B 926 -44.22 3.49 -23.66
CA GLU B 926 -42.81 3.16 -23.86
C GLU B 926 -42.64 1.91 -24.69
N ALA B 927 -43.56 0.95 -24.56
CA ALA B 927 -43.50 -0.26 -25.37
C ALA B 927 -43.63 0.07 -26.85
N THR B 928 -44.52 1.01 -27.17
CA THR B 928 -44.77 1.41 -28.55
C THR B 928 -43.87 2.55 -29.00
N VAL B 929 -42.86 2.90 -28.22
CA VAL B 929 -41.92 3.95 -28.59
C VAL B 929 -40.53 3.40 -28.90
N ASN B 930 -40.23 2.17 -28.51
CA ASN B 930 -38.94 1.56 -28.83
C ASN B 930 -38.86 1.09 -30.28
N GLU B 931 -40.00 0.97 -30.96
CA GLU B 931 -39.96 0.58 -32.37
C GLU B 931 -39.24 1.62 -33.21
N MET B 932 -39.47 2.91 -32.92
CA MET B 932 -38.80 3.96 -33.67
C MET B 932 -37.34 4.09 -33.27
N ARG B 933 -36.99 3.61 -32.08
CA ARG B 933 -35.60 3.70 -31.62
C ARG B 933 -34.76 2.50 -32.03
N ARG B 934 -35.35 1.50 -32.70
CA ARG B 934 -34.58 0.32 -33.05
C ARG B 934 -33.36 0.67 -33.88
N ASP B 935 -33.54 1.57 -34.85
CA ASP B 935 -32.44 2.00 -35.70
C ASP B 935 -31.69 3.20 -35.16
N CYS B 936 -32.33 4.03 -34.35
CA CYS B 936 -31.72 5.24 -33.79
C CYS B 936 -31.96 5.28 -32.29
N PRO B 937 -31.20 4.51 -31.52
CA PRO B 937 -31.39 4.49 -30.07
C PRO B 937 -30.78 5.69 -29.37
N TRP B 938 -30.89 6.87 -29.98
CA TRP B 938 -30.37 8.09 -29.40
C TRP B 938 -31.38 9.22 -29.37
N LYS B 939 -32.53 9.08 -30.04
CA LYS B 939 -33.57 10.08 -29.96
C LYS B 939 -34.21 10.07 -28.58
N ILE B 940 -34.86 11.19 -28.24
CA ILE B 940 -35.47 11.38 -26.94
C ILE B 940 -36.97 11.42 -27.11
N SER B 941 -37.68 10.72 -26.22
CA SER B 941 -39.14 10.67 -26.23
C SER B 941 -39.67 11.71 -25.26
N ASP B 942 -40.82 12.31 -25.62
CA ASP B 942 -41.36 13.39 -24.79
C ASP B 942 -41.61 12.94 -23.35
N GLU B 943 -41.92 11.66 -23.15
CA GLU B 943 -42.04 11.16 -21.78
C GLU B 943 -40.72 11.25 -21.04
N GLU B 944 -39.63 10.85 -21.70
CA GLU B 944 -38.31 10.93 -21.08
C GLU B 944 -37.95 12.36 -20.75
N ILE B 945 -38.25 13.28 -21.67
CA ILE B 945 -37.96 14.70 -21.42
C ILE B 945 -38.79 15.21 -20.25
N THR B 946 -40.06 14.83 -20.18
CA THR B 946 -40.89 15.28 -19.07
C THR B 946 -40.36 14.77 -17.75
N LYS B 947 -39.89 13.52 -17.70
CA LYS B 947 -39.34 12.99 -16.46
C LYS B 947 -38.00 13.62 -16.10
N ASN B 948 -37.18 13.97 -17.08
CA ASN B 948 -35.84 14.48 -16.83
C ASN B 948 -35.76 16.01 -16.89
N ARG B 949 -36.90 16.69 -17.00
CA ARG B 949 -36.89 18.14 -17.04
C ARG B 949 -36.21 18.74 -15.82
N VAL B 950 -36.51 18.23 -14.63
CA VAL B 950 -35.93 18.80 -13.42
C VAL B 950 -34.43 18.63 -13.41
N LYS B 951 -33.94 17.45 -13.79
CA LYS B 951 -32.50 17.23 -13.81
C LYS B 951 -31.81 18.10 -14.86
N SER B 952 -32.43 18.26 -16.02
CA SER B 952 -31.85 19.14 -17.04
C SER B 952 -31.78 20.58 -16.55
N LEU B 953 -32.85 21.05 -15.89
CA LEU B 953 -32.84 22.39 -15.34
C LEU B 953 -31.76 22.53 -14.28
N ARG B 954 -31.58 21.51 -13.44
CA ARG B 954 -30.53 21.57 -12.44
C ARG B 954 -29.16 21.67 -13.09
N GLN B 955 -28.95 20.94 -14.18
CA GLN B 955 -27.69 21.04 -14.90
C GLN B 955 -27.46 22.46 -15.41
N VAL B 956 -28.47 23.02 -16.09
CA VAL B 956 -28.31 24.34 -16.67
C VAL B 956 -28.12 25.40 -15.60
N ARG B 957 -28.69 25.18 -14.40
CA ARG B 957 -28.52 26.15 -13.33
C ARG B 957 -27.16 26.01 -12.65
N LEU B 958 -26.68 24.78 -12.50
CA LEU B 958 -25.32 24.57 -12.01
C LEU B 958 -24.31 25.22 -12.93
N ASN B 959 -24.59 25.26 -14.23
CA ASN B 959 -23.68 25.96 -15.12
C ASN B 959 -23.58 27.44 -14.77
N GLU B 960 -24.70 28.10 -14.50
CA GLU B 960 -24.65 29.50 -14.10
C GLU B 960 -23.91 29.66 -12.78
N ILE B 961 -24.17 28.77 -11.83
CA ILE B 961 -23.48 28.85 -10.54
C ILE B 961 -21.98 28.77 -10.73
N VAL B 962 -21.52 27.83 -11.55
CA VAL B 962 -20.09 27.71 -11.81
C VAL B 962 -19.55 28.93 -12.55
N LEU B 963 -20.31 29.45 -13.52
CA LEU B 963 -19.83 30.58 -14.30
C LEU B 963 -19.63 31.81 -13.44
N ASP B 964 -20.49 32.03 -12.46
CA ASP B 964 -20.39 33.23 -11.63
C ASP B 964 -19.44 33.07 -10.46
N TYR B 965 -18.74 31.94 -10.36
CA TYR B 965 -17.86 31.70 -9.22
C TYR B 965 -16.44 31.32 -9.64
N SER B 966 -16.31 30.55 -10.70
CA SER B 966 -15.03 29.98 -11.10
C SER B 966 -14.59 30.52 -12.46
N ARG B 967 -14.82 31.81 -12.69
CA ARG B 967 -14.48 32.40 -13.98
C ARG B 967 -12.98 32.42 -14.22
N ASP B 968 -12.15 32.44 -13.17
CA ASP B 968 -10.71 32.60 -13.33
C ASP B 968 -9.93 31.53 -12.59
N ALA B 969 -10.56 30.40 -12.26
CA ALA B 969 -9.87 29.33 -11.57
C ALA B 969 -8.85 28.66 -12.50
N ALA B 970 -7.85 28.03 -11.89
CA ALA B 970 -6.90 27.25 -12.65
C ALA B 970 -7.43 25.86 -13.00
N LEU B 971 -8.49 25.41 -12.33
CA LEU B 971 -9.07 24.10 -12.56
C LEU B 971 -10.45 24.07 -11.93
N ILE B 972 -11.39 23.46 -12.64
CA ILE B 972 -12.77 23.32 -12.17
C ILE B 972 -13.09 21.83 -12.12
N VAL B 973 -13.50 21.36 -10.95
CA VAL B 973 -13.87 19.96 -10.75
C VAL B 973 -15.33 19.91 -10.36
N ILE B 974 -16.12 19.17 -11.13
CA ILE B 974 -17.55 19.03 -10.89
C ILE B 974 -17.90 17.56 -10.87
N THR B 975 -18.75 17.17 -9.92
CA THR B 975 -19.21 15.80 -9.86
C THR B 975 -20.07 15.48 -11.07
N LEU B 976 -19.74 14.40 -11.75
CA LEU B 976 -20.41 14.03 -12.99
C LEU B 976 -21.75 13.37 -12.69
N PRO B 977 -22.85 13.87 -13.24
CA PRO B 977 -24.15 13.23 -13.00
C PRO B 977 -24.21 11.86 -13.64
N ILE B 978 -25.02 10.99 -13.06
CA ILE B 978 -25.17 9.62 -13.51
C ILE B 978 -26.56 9.46 -14.13
N GLY B 979 -26.61 8.90 -15.33
CA GLY B 979 -27.86 8.63 -16.02
C GLY B 979 -28.13 7.14 -16.07
N ARG B 980 -29.32 6.76 -15.62
CA ARG B 980 -29.68 5.34 -15.60
C ARG B 980 -29.74 4.78 -17.00
N LYS B 981 -29.26 3.55 -17.16
CA LYS B 981 -29.33 2.88 -18.44
C LYS B 981 -30.77 2.62 -18.82
N GLY B 982 -31.13 2.96 -20.06
CA GLY B 982 -32.47 2.74 -20.56
C GLY B 982 -33.46 3.82 -20.23
N LYS B 983 -33.13 4.72 -19.30
CA LYS B 983 -34.00 5.85 -18.96
C LYS B 983 -33.33 7.18 -19.21
N CYS B 984 -32.21 7.20 -19.91
CA CYS B 984 -31.50 8.44 -20.23
C CYS B 984 -30.80 8.25 -21.57
N PRO B 985 -31.43 8.70 -22.66
CA PRO B 985 -30.82 8.52 -23.98
C PRO B 985 -29.44 9.15 -24.07
N SER B 986 -28.58 8.60 -24.91
CA SER B 986 -27.24 9.15 -25.07
C SER B 986 -27.28 10.62 -25.39
N SER B 987 -28.27 11.07 -26.16
CA SER B 987 -28.38 12.48 -26.49
C SER B 987 -28.56 13.33 -25.23
N LEU B 988 -29.42 12.87 -24.32
CA LEU B 988 -29.67 13.63 -23.10
C LEU B 988 -28.43 13.68 -22.21
N TYR B 989 -27.74 12.56 -22.08
CA TYR B 989 -26.51 12.55 -21.27
C TYR B 989 -25.46 13.47 -21.88
N MET B 990 -25.32 13.43 -23.20
CA MET B 990 -24.36 14.31 -23.87
C MET B 990 -24.75 15.78 -23.65
N ALA B 991 -26.05 16.07 -23.72
CA ALA B 991 -26.50 17.44 -23.49
C ALA B 991 -26.19 17.88 -22.06
N TRP B 992 -26.38 17.00 -21.09
CA TRP B 992 -26.05 17.35 -19.71
C TRP B 992 -24.57 17.63 -19.55
N LEU B 993 -23.72 16.79 -20.14
CA LEU B 993 -22.28 17.01 -20.04
C LEU B 993 -21.88 18.31 -20.73
N GLU B 994 -22.47 18.61 -21.89
CA GLU B 994 -22.21 19.87 -22.56
C GLU B 994 -22.66 21.06 -21.73
N THR B 995 -23.81 20.95 -21.08
CA THR B 995 -24.38 22.07 -20.34
C THR B 995 -23.61 22.34 -19.06
N LEU B 996 -23.16 21.29 -18.37
CA LEU B 996 -22.43 21.50 -17.12
C LEU B 996 -21.17 22.31 -17.35
N SER B 997 -20.42 22.00 -18.41
CA SER B 997 -19.18 22.67 -18.73
C SER B 997 -19.35 23.39 -20.06
N GLN B 998 -19.52 24.71 -20.02
CA GLN B 998 -19.61 25.49 -21.24
C GLN B 998 -19.27 26.93 -20.92
N ASP B 999 -19.01 27.69 -21.98
CA ASP B 999 -18.70 29.12 -21.92
C ASP B 999 -17.61 29.45 -20.92
N LEU B 1000 -16.76 28.48 -20.56
CA LEU B 1000 -15.65 28.76 -19.68
C LEU B 1000 -14.35 28.81 -20.49
N ARG B 1001 -13.24 28.99 -19.78
CA ARG B 1001 -11.93 28.76 -20.34
C ARG B 1001 -11.46 27.47 -19.69
N PRO B 1002 -12.10 26.36 -20.02
CA PRO B 1002 -12.19 25.25 -19.08
C PRO B 1002 -11.00 24.31 -19.17
N PRO B 1003 -10.23 24.19 -18.09
CA PRO B 1003 -9.66 22.90 -17.70
C PRO B 1003 -10.64 22.16 -16.80
N VAL B 1004 -11.85 21.92 -17.30
CA VAL B 1004 -12.94 21.41 -16.49
C VAL B 1004 -12.86 19.88 -16.45
N ILE B 1005 -12.94 19.33 -15.24
CA ILE B 1005 -12.89 17.88 -15.03
C ILE B 1005 -14.20 17.47 -14.39
N LEU B 1006 -14.90 16.53 -15.02
CA LEU B 1006 -16.11 15.93 -14.46
C LEU B 1006 -15.73 14.56 -13.92
N ILE B 1007 -15.71 14.43 -12.60
CA ILE B 1007 -15.27 13.21 -11.94
C ILE B 1007 -16.45 12.53 -11.28
N ARG B 1008 -16.31 11.22 -11.09
CA ARG B 1008 -17.33 10.42 -10.41
C ARG B 1008 -16.72 9.10 -9.99
N GLY B 1009 -16.62 8.88 -8.69
CA GLY B 1009 -16.16 7.59 -8.20
C GLY B 1009 -17.23 6.53 -8.35
N ASN B 1010 -16.87 5.30 -7.99
CA ASN B 1010 -17.79 4.18 -8.12
C ASN B 1010 -18.68 4.01 -6.90
N GLN B 1011 -18.92 5.07 -6.15
CA GLN B 1011 -19.78 5.03 -4.96
C GLN B 1011 -19.15 4.23 -3.84
N GLU B 1012 -17.85 3.98 -3.92
CA GLU B 1012 -17.10 3.27 -2.89
C GLU B 1012 -16.11 4.21 -2.26
N ASN B 1013 -16.03 4.19 -0.93
CA ASN B 1013 -15.18 5.13 -0.21
C ASN B 1013 -13.73 4.99 -0.65
N VAL B 1014 -13.11 6.12 -0.96
CA VAL B 1014 -11.67 6.19 -1.20
C VAL B 1014 -10.97 7.08 -0.18
N LEU B 1015 -11.69 7.59 0.81
CA LEU B 1015 -11.12 8.36 1.89
C LEU B 1015 -11.64 7.80 3.20
N THR B 1016 -10.85 7.97 4.26
CA THR B 1016 -11.22 7.46 5.57
C THR B 1016 -10.53 8.28 6.64
N PHE B 1017 -11.25 8.56 7.72
CA PHE B 1017 -10.67 9.18 8.90
C PHE B 1017 -10.35 8.17 9.99
N TYR B 1018 -10.07 6.92 9.59
CA TYR B 1018 -9.77 5.85 10.52
C TYR B 1018 -8.39 5.30 10.22
N CYS B 1019 -7.71 4.82 11.24
CA CYS B 1019 -6.53 3.99 11.09
C CYS B 1019 -6.90 2.63 11.69
N GLN B 1020 -7.33 1.72 10.82
CA GLN B 1020 -7.95 0.46 11.24
C GLN B 1020 -7.31 -0.19 12.45
#